data_7VGV
#
_entry.id   7VGV
#
_cell.length_a   68.400
_cell.length_b   69.500
_cell.length_c   231.400
_cell.angle_alpha   90.000
_cell.angle_beta   90.000
_cell.angle_gamma   90.000
#
_symmetry.space_group_name_H-M   'P 21 21 21'
#
loop_
_entity.id
_entity.type
_entity.pdbx_description
1 polymer 'Chloride pumping rhodopsin'
2 non-polymer RETINAL
3 non-polymer HEXANE
4 non-polymer nonane
5 non-polymer TETRADECANE
6 non-polymer HEXADECANE
7 non-polymer N-OCTANE
8 non-polymer 'CHLORIDE ION'
9 water water
#
_entity_poly.entity_id   1
_entity_poly.type   'polypeptide(L)'
_entity_poly.pdbx_seq_one_letter_code
;GSSGSSGMKNIESLFDYSAGQFEFIDHLLTMGVGVHFAALIFFLVVSQFVAPKYRIATALSCIVMVSAGLILNSQAVMWT
DAYAYVDGSYQLQDLTFSNGYRYVNWMATIPCLLLQLLIVLNLKGKELFSTATWLILAAWGMIITGYVGQLYEVDDIAQL
MIWGAVSTAFFVVMNWIVGTKIFKNRATMLGGTDSTITKVFWLMMFAWTLYPIAYLVPAFMNNADGVVLRQLLFTIADIS
SKVIYGLMITYIAIQQSAAAGYVPAQQALGRIGMDSKAA
;
_entity_poly.pdbx_strand_id   A,B,C
#
# COMPACT_ATOMS: atom_id res chain seq x y z
N LYS A 9 31.30 24.55 -19.54
CA LYS A 9 30.84 25.46 -18.51
C LYS A 9 29.39 25.19 -18.14
N ASN A 10 28.95 25.78 -17.03
CA ASN A 10 27.59 25.59 -16.54
C ASN A 10 26.92 26.95 -16.36
N ILE A 11 25.58 26.93 -16.37
CA ILE A 11 24.82 28.18 -16.27
C ILE A 11 24.97 28.82 -14.90
N GLU A 12 25.33 28.06 -13.87
CA GLU A 12 25.56 28.65 -12.55
C GLU A 12 26.63 29.73 -12.62
N SER A 13 27.71 29.49 -13.37
CA SER A 13 28.82 30.42 -13.48
C SER A 13 28.50 31.63 -14.35
N LEU A 14 27.31 31.69 -14.95
CA LEU A 14 27.01 32.78 -15.87
C LEU A 14 26.49 34.02 -15.16
N PHE A 15 25.90 33.87 -13.98
CA PHE A 15 25.14 34.95 -13.37
C PHE A 15 25.69 35.33 -12.01
N ASP A 16 25.48 36.59 -11.64
CA ASP A 16 25.52 37.00 -10.26
C ASP A 16 24.17 36.72 -9.61
N TYR A 17 24.17 36.64 -8.29
CA TYR A 17 22.97 36.29 -7.56
C TYR A 17 22.69 37.32 -6.47
N SER A 18 21.42 37.66 -6.30
CA SER A 18 21.02 38.46 -5.16
C SER A 18 21.30 37.67 -3.88
N ALA A 19 21.37 38.39 -2.76
CA ALA A 19 21.56 37.73 -1.48
C ALA A 19 20.44 36.74 -1.20
N GLY A 20 19.22 37.04 -1.66
CA GLY A 20 18.11 36.13 -1.44
C GLY A 20 18.23 34.85 -2.26
N GLN A 21 18.66 34.98 -3.53
CA GLN A 21 18.85 33.79 -4.36
C GLN A 21 20.02 32.95 -3.86
N PHE A 22 21.12 33.60 -3.49
CA PHE A 22 22.33 32.87 -3.10
C PHE A 22 22.12 32.12 -1.79
N GLU A 23 21.53 32.79 -0.80
CA GLU A 23 21.34 32.16 0.50
C GLU A 23 20.24 31.09 0.46
N PHE A 24 19.25 31.26 -0.42
CA PHE A 24 18.22 30.24 -0.58
C PHE A 24 18.82 28.93 -1.07
N ILE A 25 19.68 29.01 -2.08
CA ILE A 25 20.38 27.82 -2.57
C ILE A 25 21.23 27.21 -1.46
N ASP A 26 21.94 28.07 -0.71
CA ASP A 26 22.77 27.58 0.38
C ASP A 26 21.95 26.83 1.42
N HIS A 27 20.79 27.38 1.79
CA HIS A 27 19.95 26.75 2.79
C HIS A 27 19.29 25.49 2.26
N LEU A 28 18.97 25.46 0.96
CA LEU A 28 18.47 24.23 0.35
C LEU A 28 19.47 23.09 0.49
N LEU A 29 20.73 23.36 0.13
CA LEU A 29 21.76 22.33 0.22
C LEU A 29 22.05 21.95 1.67
N THR A 30 22.15 22.94 2.55
CA THR A 30 22.42 22.65 3.96
C THR A 30 21.29 21.84 4.59
N MET A 31 20.05 22.20 4.29
CA MET A 31 18.92 21.41 4.78
C MET A 31 18.93 20.00 4.20
N GLY A 32 19.39 19.85 2.96
CA GLY A 32 19.48 18.53 2.37
C GLY A 32 20.49 17.64 3.09
N VAL A 33 21.63 18.21 3.49
CA VAL A 33 22.59 17.47 4.29
C VAL A 33 21.95 17.02 5.60
N GLY A 34 21.25 17.94 6.28
CA GLY A 34 20.65 17.60 7.55
C GLY A 34 19.58 16.54 7.44
N VAL A 35 18.77 16.60 6.38
CA VAL A 35 17.69 15.63 6.20
C VAL A 35 18.26 14.25 5.90
N HIS A 36 19.29 14.17 5.07
CA HIS A 36 19.86 12.87 4.71
C HIS A 36 20.54 12.22 5.90
N PHE A 37 21.26 13.01 6.70
CA PHE A 37 21.91 12.44 7.88
C PHE A 37 20.91 12.14 8.99
N ALA A 38 19.81 12.90 9.06
CA ALA A 38 18.76 12.58 10.01
C ALA A 38 18.10 11.25 9.66
N ALA A 39 17.87 10.99 8.38
CA ALA A 39 17.36 9.69 7.96
C ALA A 39 18.39 8.59 8.19
N LEU A 40 19.68 8.92 8.05
CA LEU A 40 20.73 7.93 8.30
C LEU A 40 20.65 7.37 9.71
N ILE A 41 20.47 8.25 10.70
CA ILE A 41 20.35 7.79 12.08
C ILE A 41 19.12 6.90 12.24
N PHE A 42 18.02 7.28 11.60
CA PHE A 42 16.80 6.48 11.69
C PHE A 42 17.00 5.10 11.09
N PHE A 43 17.61 5.03 9.91
CA PHE A 43 17.80 3.75 9.24
C PHE A 43 18.70 2.82 10.02
N LEU A 44 19.76 3.37 10.63
CA LEU A 44 20.64 2.55 11.47
C LEU A 44 19.90 1.98 12.67
N VAL A 45 19.03 2.78 13.28
CA VAL A 45 18.33 2.35 14.48
C VAL A 45 17.29 1.28 14.15
N VAL A 46 16.53 1.50 13.08
CA VAL A 46 15.42 0.61 12.75
C VAL A 46 15.88 -0.70 12.13
N SER A 47 17.13 -0.77 11.66
CA SER A 47 17.59 -1.95 10.94
C SER A 47 17.59 -3.21 11.80
N GLN A 48 17.74 -3.06 13.12
CA GLN A 48 17.75 -4.23 13.99
C GLN A 48 16.37 -4.87 14.06
N PHE A 49 15.31 -4.12 13.83
CA PHE A 49 13.95 -4.63 13.84
C PHE A 49 13.54 -5.23 12.51
N VAL A 50 14.48 -5.39 11.57
CA VAL A 50 14.23 -5.99 10.27
C VAL A 50 14.82 -7.39 10.27
N ALA A 51 14.10 -8.34 9.69
CA ALA A 51 14.60 -9.70 9.62
C ALA A 51 15.89 -9.76 8.80
N PRO A 52 16.78 -10.70 9.10
CA PRO A 52 18.08 -10.75 8.40
C PRO A 52 18.00 -10.76 6.89
N LYS A 53 17.00 -11.42 6.30
CA LYS A 53 16.96 -11.52 4.85
C LYS A 53 16.53 -10.23 4.17
N TYR A 54 16.03 -9.25 4.93
CA TYR A 54 15.71 -7.94 4.39
C TYR A 54 16.61 -6.83 4.91
N ARG A 55 17.49 -7.13 5.88
CA ARG A 55 18.27 -6.09 6.54
C ARG A 55 19.20 -5.37 5.57
N ILE A 56 19.63 -6.06 4.51
CA ILE A 56 20.52 -5.43 3.54
C ILE A 56 19.81 -4.32 2.77
N ALA A 57 18.48 -4.40 2.63
CA ALA A 57 17.74 -3.29 2.04
C ALA A 57 17.82 -2.04 2.91
N THR A 58 17.80 -2.21 4.23
CA THR A 58 17.93 -1.06 5.13
C THR A 58 19.37 -0.57 5.16
N ALA A 59 20.34 -1.49 5.11
CA ALA A 59 21.74 -1.08 5.05
C ALA A 59 22.03 -0.26 3.80
N LEU A 60 21.40 -0.61 2.68
CA LEU A 60 21.61 0.13 1.44
C LEU A 60 21.12 1.56 1.57
N SER A 61 20.05 1.80 2.33
CA SER A 61 19.58 3.16 2.56
C SER A 61 20.61 3.95 3.37
N CYS A 62 21.25 3.30 4.34
CA CYS A 62 22.31 3.95 5.10
C CYS A 62 23.46 4.38 4.19
N ILE A 63 23.86 3.50 3.27
CA ILE A 63 24.91 3.85 2.31
C ILE A 63 24.48 5.03 1.46
N VAL A 64 23.22 5.03 1.01
CA VAL A 64 22.72 6.14 0.20
C VAL A 64 22.74 7.43 1.00
N MET A 65 22.30 7.38 2.26
CA MET A 65 22.27 8.59 3.08
C MET A 65 23.66 9.15 3.32
N VAL A 66 24.65 8.28 3.55
CA VAL A 66 26.01 8.74 3.80
C VAL A 66 26.58 9.42 2.56
N SER A 67 26.47 8.75 1.41
CA SER A 67 27.08 9.28 0.20
C SER A 67 26.33 10.50 -0.32
N ALA A 68 24.99 10.50 -0.24
CA ALA A 68 24.24 11.67 -0.66
C ALA A 68 24.47 12.85 0.28
N GLY A 69 24.62 12.57 1.58
CA GLY A 69 24.84 13.65 2.53
C GLY A 69 26.23 14.27 2.39
N LEU A 70 27.25 13.44 2.18
CA LEU A 70 28.61 13.96 2.07
C LEU A 70 28.77 14.80 0.82
N ILE A 71 28.16 14.40 -0.29
CA ILE A 71 28.33 15.14 -1.54
C ILE A 71 27.49 16.41 -1.54
N LEU A 72 26.31 16.38 -0.90
CA LEU A 72 25.55 17.62 -0.74
C LEU A 72 26.31 18.63 0.12
N ASN A 73 27.04 18.15 1.13
CA ASN A 73 27.86 19.04 1.94
C ASN A 73 29.05 19.57 1.17
N SER A 74 29.62 18.76 0.26
CA SER A 74 30.70 19.25 -0.58
C SER A 74 30.23 20.35 -1.52
N GLN A 75 29.00 20.24 -2.03
CA GLN A 75 28.47 21.26 -2.94
C GLN A 75 28.13 22.54 -2.20
N ALA A 76 27.65 22.43 -0.95
CA ALA A 76 27.41 23.63 -0.16
C ALA A 76 28.72 24.34 0.17
N VAL A 77 29.79 23.58 0.38
CA VAL A 77 31.10 24.18 0.60
C VAL A 77 31.59 24.86 -0.67
N MET A 78 31.46 24.17 -1.81
CA MET A 78 31.85 24.77 -3.08
C MET A 78 31.01 25.98 -3.42
N TRP A 79 29.72 25.95 -3.08
CA TRP A 79 28.84 27.08 -3.35
C TRP A 79 29.28 28.31 -2.57
N THR A 80 29.67 28.12 -1.31
CA THR A 80 30.11 29.25 -0.49
C THR A 80 31.48 29.76 -0.95
N ASP A 81 32.38 28.85 -1.32
CA ASP A 81 33.73 29.23 -1.71
C ASP A 81 33.81 29.84 -3.10
N ALA A 82 32.84 29.58 -3.97
CA ALA A 82 32.92 30.04 -5.35
C ALA A 82 32.51 31.49 -5.51
N TYR A 83 31.60 31.97 -4.67
CA TYR A 83 31.04 33.31 -4.80
C TYR A 83 31.30 34.12 -3.55
N ALA A 84 31.49 35.43 -3.74
CA ALA A 84 31.58 36.36 -2.63
C ALA A 84 30.66 37.55 -2.89
N TYR A 85 30.20 38.15 -1.82
CA TYR A 85 29.24 39.26 -1.89
C TYR A 85 30.01 40.54 -2.17
N VAL A 86 29.96 41.01 -3.42
CA VAL A 86 30.65 42.23 -3.81
C VAL A 86 29.65 43.16 -4.47
N ASP A 87 29.71 44.45 -4.08
CA ASP A 87 28.91 45.52 -4.67
C ASP A 87 27.43 45.15 -4.77
N GLY A 88 26.90 44.52 -3.73
CA GLY A 88 25.49 44.28 -3.62
C GLY A 88 24.99 42.97 -4.19
N SER A 89 25.88 42.12 -4.70
CA SER A 89 25.46 40.82 -5.23
C SER A 89 26.59 39.81 -5.07
N TYR A 90 26.23 38.54 -5.16
CA TYR A 90 27.18 37.45 -5.08
C TYR A 90 27.74 37.16 -6.47
N GLN A 91 29.06 37.30 -6.62
CA GLN A 91 29.70 37.15 -7.91
C GLN A 91 30.73 36.03 -7.87
N LEU A 92 30.91 35.37 -9.01
CA LEU A 92 31.78 34.20 -9.09
C LEU A 92 33.23 34.60 -8.92
N GLN A 93 33.90 34.00 -7.94
CA GLN A 93 35.33 34.22 -7.73
C GLN A 93 36.19 33.12 -8.32
N ASP A 94 35.71 31.87 -8.32
CA ASP A 94 36.50 30.74 -8.74
C ASP A 94 35.67 29.83 -9.64
N LEU A 95 36.33 29.26 -10.66
CA LEU A 95 35.69 28.31 -11.57
C LEU A 95 35.67 26.92 -10.95
N THR A 96 34.95 26.80 -9.83
CA THR A 96 34.96 25.58 -9.05
C THR A 96 33.61 24.90 -8.91
N PHE A 97 32.51 25.64 -8.92
CA PHE A 97 31.20 25.00 -8.72
C PHE A 97 30.83 24.19 -9.96
N SER A 98 30.71 22.88 -9.78
CA SER A 98 30.32 21.96 -10.84
C SER A 98 29.20 21.08 -10.31
N ASN A 99 28.12 20.97 -11.07
CA ASN A 99 27.09 19.99 -10.78
C ASN A 99 27.45 18.59 -11.28
N GLY A 100 28.69 18.40 -11.74
CA GLY A 100 29.13 17.08 -12.17
C GLY A 100 29.32 16.13 -11.02
N TYR A 101 29.60 16.64 -9.82
CA TYR A 101 29.73 15.78 -8.65
C TYR A 101 28.38 15.18 -8.24
N ARG A 102 27.27 15.80 -8.65
CA ARG A 102 25.98 15.14 -8.51
C ARG A 102 25.92 13.89 -9.37
N TYR A 103 26.50 13.94 -10.57
CA TYR A 103 26.44 12.80 -11.48
C TYR A 103 27.21 11.61 -10.93
N VAL A 104 28.30 11.86 -10.19
CA VAL A 104 29.03 10.75 -9.59
C VAL A 104 28.29 10.20 -8.37
N ASN A 105 27.60 11.05 -7.62
CA ASN A 105 26.71 10.55 -6.58
C ASN A 105 25.61 9.69 -7.17
N TRP A 106 25.03 10.13 -8.29
CA TRP A 106 23.97 9.35 -8.93
C TRP A 106 24.44 7.96 -9.32
N MET A 107 25.63 7.87 -9.93
CA MET A 107 26.19 6.56 -10.26
C MET A 107 26.47 5.72 -9.03
N ALA A 108 26.66 6.35 -7.87
CA ALA A 108 26.88 5.62 -6.63
C ALA A 108 25.57 5.21 -5.95
N THR A 109 24.58 6.10 -5.95
CA THR A 109 23.35 5.87 -5.19
C THR A 109 22.28 5.14 -5.98
N ILE A 110 22.20 5.37 -7.30
CA ILE A 110 21.17 4.69 -8.11
C ILE A 110 21.24 3.17 -7.98
N PRO A 111 22.41 2.52 -8.11
CA PRO A 111 22.43 1.07 -7.93
C PRO A 111 21.92 0.60 -6.57
N CYS A 112 22.21 1.35 -5.51
CA CYS A 112 21.72 0.98 -4.19
C CYS A 112 20.22 1.14 -4.09
N LEU A 113 19.68 2.20 -4.69
CA LEU A 113 18.23 2.41 -4.69
C LEU A 113 17.52 1.30 -5.48
N LEU A 114 18.14 0.86 -6.58
CA LEU A 114 17.53 -0.22 -7.36
C LEU A 114 17.64 -1.56 -6.63
N LEU A 115 18.78 -1.82 -6.00
CA LEU A 115 18.99 -3.12 -5.35
C LEU A 115 18.03 -3.33 -4.19
N GLN A 116 17.82 -2.30 -3.37
CA GLN A 116 16.93 -2.47 -2.21
C GLN A 116 15.49 -2.69 -2.65
N LEU A 117 15.10 -2.17 -3.82
CA LEU A 117 13.80 -2.50 -4.38
C LEU A 117 13.71 -3.98 -4.73
N LEU A 118 14.72 -4.48 -5.45
CA LEU A 118 14.71 -5.88 -5.87
C LEU A 118 14.71 -6.84 -4.69
N ILE A 119 15.31 -6.43 -3.57
CA ILE A 119 15.41 -7.32 -2.42
C ILE A 119 14.05 -7.48 -1.75
N VAL A 120 13.36 -6.36 -1.50
CA VAL A 120 12.03 -6.46 -0.89
C VAL A 120 11.03 -7.05 -1.88
N LEU A 121 11.33 -7.00 -3.18
CA LEU A 121 10.54 -7.70 -4.19
C LEU A 121 10.71 -9.21 -4.13
N ASN A 122 11.62 -9.70 -3.29
CA ASN A 122 11.91 -11.13 -3.12
C ASN A 122 12.53 -11.76 -4.36
N LEU A 123 13.24 -10.95 -5.15
CA LEU A 123 14.15 -11.50 -6.16
C LEU A 123 15.30 -12.20 -5.47
N LYS A 124 15.67 -13.38 -5.97
CA LYS A 124 16.74 -14.16 -5.36
C LYS A 124 17.63 -14.76 -6.43
N GLY A 125 18.86 -15.06 -6.04
CA GLY A 125 19.72 -15.93 -6.83
C GLY A 125 20.01 -15.39 -8.21
N LYS A 126 19.82 -16.25 -9.22
CA LYS A 126 20.16 -15.90 -10.59
C LYS A 126 19.34 -14.72 -11.09
N GLU A 127 18.04 -14.72 -10.81
CA GLU A 127 17.20 -13.62 -11.29
C GLU A 127 17.59 -12.30 -10.62
N LEU A 128 17.94 -12.33 -9.34
CA LEU A 128 18.37 -11.12 -8.67
C LEU A 128 19.67 -10.58 -9.26
N PHE A 129 20.65 -11.47 -9.45
CA PHE A 129 21.96 -11.03 -9.97
C PHE A 129 21.82 -10.50 -11.39
N SER A 130 21.07 -11.20 -12.25
CA SER A 130 20.97 -10.80 -13.64
C SER A 130 20.17 -9.51 -13.79
N THR A 131 19.05 -9.39 -13.07
CA THR A 131 18.26 -8.16 -13.12
C THR A 131 19.08 -6.96 -12.64
N ALA A 132 19.82 -7.14 -11.54
CA ALA A 132 20.65 -6.05 -11.03
C ALA A 132 21.69 -5.63 -12.06
N THR A 133 22.26 -6.61 -12.79
CA THR A 133 23.28 -6.29 -13.78
C THR A 133 22.74 -5.41 -14.88
N TRP A 134 21.57 -5.76 -15.43
CA TRP A 134 21.00 -5.00 -16.53
C TRP A 134 20.54 -3.62 -16.06
N LEU A 135 19.96 -3.55 -14.86
CA LEU A 135 19.52 -2.25 -14.33
C LEU A 135 20.70 -1.33 -14.09
N ILE A 136 21.79 -1.86 -13.51
CA ILE A 136 22.99 -1.05 -13.30
C ILE A 136 23.60 -0.67 -14.64
N LEU A 137 23.55 -1.58 -15.61
CA LEU A 137 24.05 -1.28 -16.95
C LEU A 137 23.24 -0.17 -17.60
N ALA A 138 21.90 -0.23 -17.47
CA ALA A 138 21.05 0.81 -18.04
C ALA A 138 21.26 2.14 -17.31
N ALA A 139 21.50 2.09 -16.00
CA ALA A 139 21.75 3.32 -15.25
C ALA A 139 23.10 3.92 -15.61
N TRP A 140 24.10 3.06 -15.84
CA TRP A 140 25.41 3.55 -16.29
C TRP A 140 25.28 4.32 -17.59
N GLY A 141 24.56 3.76 -18.56
CA GLY A 141 24.37 4.46 -19.82
C GLY A 141 23.61 5.76 -19.67
N MET A 142 22.61 5.77 -18.79
CA MET A 142 21.84 7.00 -18.56
C MET A 142 22.71 8.09 -17.94
N ILE A 143 23.62 7.72 -17.04
CA ILE A 143 24.43 8.72 -16.36
C ILE A 143 25.54 9.23 -17.26
N ILE A 144 26.19 8.35 -18.02
CA ILE A 144 27.33 8.78 -18.83
C ILE A 144 26.86 9.67 -19.98
N THR A 145 25.74 9.32 -20.62
CA THR A 145 25.24 10.15 -21.72
C THR A 145 24.69 11.47 -21.20
N GLY A 146 24.00 11.44 -20.05
CA GLY A 146 23.52 12.68 -19.46
C GLY A 146 24.65 13.58 -19.01
N TYR A 147 25.73 13.00 -18.49
CA TYR A 147 26.87 13.80 -18.06
C TYR A 147 27.53 14.50 -19.25
N VAL A 148 27.60 13.83 -20.39
CA VAL A 148 28.18 14.44 -21.57
C VAL A 148 27.27 15.55 -22.11
N GLY A 149 25.96 15.33 -22.06
CA GLY A 149 25.05 16.38 -22.51
C GLY A 149 25.11 17.61 -21.63
N GLN A 150 25.22 17.41 -20.32
CA GLN A 150 25.37 18.52 -19.39
C GLN A 150 26.61 19.38 -19.66
N LEU A 151 27.60 18.86 -20.38
CA LEU A 151 28.77 19.67 -20.73
C LEU A 151 28.43 20.79 -21.70
N TYR A 152 27.33 20.66 -22.46
CA TYR A 152 26.97 21.61 -23.50
C TYR A 152 25.79 22.49 -23.09
N GLU A 153 25.47 22.56 -21.80
CA GLU A 153 24.28 23.29 -21.37
C GLU A 153 24.42 24.80 -21.59
N VAL A 154 25.64 25.30 -21.71
CA VAL A 154 25.89 26.71 -22.03
C VAL A 154 26.25 26.89 -23.50
N ASP A 155 27.14 26.04 -24.01
CA ASP A 155 27.68 26.25 -25.35
C ASP A 155 26.70 25.84 -26.44
N ASP A 156 26.03 24.69 -26.29
CA ASP A 156 25.19 24.17 -27.37
C ASP A 156 24.01 23.43 -26.77
N ILE A 157 22.86 24.13 -26.70
CA ILE A 157 21.65 23.52 -26.16
C ILE A 157 21.21 22.33 -27.01
N ALA A 158 21.50 22.36 -28.31
CA ALA A 158 21.06 21.27 -29.19
C ALA A 158 21.73 19.96 -28.79
N GLN A 159 23.00 20.00 -28.41
CA GLN A 159 23.67 18.77 -27.97
C GLN A 159 23.20 18.35 -26.59
N LEU A 160 22.81 19.30 -25.74
CA LEU A 160 22.23 18.96 -24.45
C LEU A 160 20.95 18.14 -24.63
N MET A 161 20.13 18.50 -25.61
CA MET A 161 18.88 17.78 -25.85
C MET A 161 19.10 16.47 -26.57
N ILE A 162 20.10 16.39 -27.45
CA ILE A 162 20.34 15.14 -28.18
C ILE A 162 20.91 14.08 -27.24
N TRP A 163 21.86 14.45 -26.40
CA TRP A 163 22.38 13.50 -25.42
C TRP A 163 21.33 13.17 -24.36
N GLY A 164 20.50 14.15 -24.01
CA GLY A 164 19.42 13.90 -23.07
C GLY A 164 18.39 12.94 -23.63
N ALA A 165 18.17 12.96 -24.95
CA ALA A 165 17.25 12.01 -25.57
C ALA A 165 17.79 10.59 -25.48
N VAL A 166 19.09 10.41 -25.68
CA VAL A 166 19.68 9.09 -25.55
C VAL A 166 19.63 8.63 -24.10
N SER A 167 19.94 9.55 -23.16
CA SER A 167 19.86 9.23 -21.74
C SER A 167 18.45 8.83 -21.35
N THR A 168 17.45 9.53 -21.90
CA THR A 168 16.05 9.19 -21.62
C THR A 168 15.70 7.79 -22.12
N ALA A 169 16.33 7.35 -23.22
CA ALA A 169 16.08 6.00 -23.71
C ALA A 169 16.53 4.95 -22.70
N PHE A 170 17.66 5.18 -22.03
CA PHE A 170 18.08 4.29 -20.96
C PHE A 170 17.12 4.37 -19.79
N PHE A 171 16.61 5.57 -19.49
CA PHE A 171 15.67 5.77 -18.39
C PHE A 171 14.40 4.97 -18.61
N VAL A 172 13.87 5.00 -19.84
CA VAL A 172 12.62 4.27 -20.14
C VAL A 172 12.85 2.77 -20.06
N VAL A 173 13.98 2.29 -20.55
CA VAL A 173 14.26 0.85 -20.50
C VAL A 173 14.42 0.39 -19.06
N MET A 174 15.10 1.19 -18.24
CA MET A 174 15.28 0.83 -16.83
C MET A 174 13.95 0.70 -16.12
N ASN A 175 13.06 1.67 -16.32
CA ASN A 175 11.74 1.62 -15.68
C ASN A 175 10.91 0.45 -16.20
N TRP A 176 11.06 0.11 -17.48
CA TRP A 176 10.33 -1.03 -18.03
C TRP A 176 10.76 -2.32 -17.34
N ILE A 177 12.07 -2.49 -17.14
CA ILE A 177 12.57 -3.68 -16.45
C ILE A 177 12.05 -3.71 -15.01
N VAL A 178 12.08 -2.56 -14.33
CA VAL A 178 11.62 -2.51 -12.95
C VAL A 178 10.13 -2.80 -12.87
N GLY A 179 9.33 -2.15 -13.71
CA GLY A 179 7.91 -2.41 -13.72
C GLY A 179 7.57 -3.84 -14.09
N THR A 180 8.34 -4.42 -15.02
CA THR A 180 8.14 -5.82 -15.37
C THR A 180 8.35 -6.73 -14.18
N LYS A 181 9.44 -6.52 -13.43
CA LYS A 181 9.75 -7.37 -12.30
C LYS A 181 8.77 -7.16 -11.14
N ILE A 182 8.23 -5.96 -10.99
CA ILE A 182 7.23 -5.73 -9.97
C ILE A 182 5.94 -6.47 -10.29
N PHE A 183 5.46 -6.33 -11.54
CA PHE A 183 4.24 -7.02 -11.96
C PHE A 183 4.38 -8.53 -11.83
N LYS A 184 5.60 -9.07 -12.03
CA LYS A 184 5.78 -10.51 -12.02
C LYS A 184 5.95 -11.07 -10.62
N ASN A 185 6.56 -10.32 -9.70
CA ASN A 185 6.91 -10.84 -8.39
C ASN A 185 6.10 -10.23 -7.25
N ARG A 186 5.11 -9.40 -7.55
CA ARG A 186 4.29 -8.77 -6.52
C ARG A 186 3.65 -9.82 -5.60
N ALA A 187 3.16 -10.91 -6.19
CA ALA A 187 2.37 -11.87 -5.45
C ALA A 187 3.15 -12.56 -4.34
N THR A 188 4.48 -12.59 -4.43
CA THR A 188 5.30 -13.23 -3.40
C THR A 188 5.43 -12.37 -2.14
N MET A 189 4.99 -11.12 -2.17
CA MET A 189 5.21 -10.20 -1.05
C MET A 189 4.15 -10.40 0.02
N LEU A 190 4.56 -10.24 1.27
CA LEU A 190 3.72 -10.54 2.43
C LEU A 190 3.14 -9.27 3.04
N GLY A 191 2.13 -9.46 3.88
CA GLY A 191 1.58 -8.38 4.68
C GLY A 191 0.94 -7.25 3.89
N GLY A 192 0.43 -7.55 2.70
CA GLY A 192 -0.17 -6.54 1.86
C GLY A 192 0.81 -5.63 1.17
N THR A 193 2.11 -5.85 1.32
CA THR A 193 3.11 -5.01 0.67
C THR A 193 3.11 -5.17 -0.85
N ASP A 194 2.40 -6.17 -1.39
CA ASP A 194 2.25 -6.24 -2.84
C ASP A 194 1.47 -5.04 -3.37
N SER A 195 0.55 -4.50 -2.57
CA SER A 195 -0.09 -3.26 -2.95
C SER A 195 0.85 -2.07 -2.77
N THR A 196 1.65 -2.07 -1.71
CA THR A 196 2.50 -0.93 -1.41
C THR A 196 3.61 -0.77 -2.45
N ILE A 197 4.10 -1.87 -3.01
CA ILE A 197 5.32 -1.80 -3.82
C ILE A 197 5.08 -1.08 -5.14
N THR A 198 3.87 -1.14 -5.69
CA THR A 198 3.60 -0.43 -6.93
C THR A 198 3.37 1.07 -6.70
N LYS A 199 2.94 1.46 -5.50
CA LYS A 199 2.89 2.87 -5.16
C LYS A 199 4.30 3.42 -4.97
N VAL A 200 5.20 2.60 -4.40
CA VAL A 200 6.61 2.96 -4.34
C VAL A 200 7.16 3.16 -5.75
N PHE A 201 6.71 2.32 -6.69
CA PHE A 201 7.16 2.47 -8.08
C PHE A 201 6.66 3.78 -8.68
N TRP A 202 5.41 4.16 -8.39
CA TRP A 202 4.90 5.43 -8.88
C TRP A 202 5.68 6.60 -8.30
N LEU A 203 5.97 6.56 -6.99
CA LEU A 203 6.78 7.61 -6.39
C LEU A 203 8.18 7.66 -7.00
N MET A 204 8.78 6.49 -7.21
CA MET A 204 10.09 6.43 -7.85
C MET A 204 10.06 7.09 -9.22
N MET A 205 9.04 6.78 -10.02
CA MET A 205 8.94 7.35 -11.37
C MET A 205 8.73 8.86 -11.32
N PHE A 206 7.89 9.34 -10.40
CA PHE A 206 7.69 10.77 -10.27
C PHE A 206 8.97 11.47 -9.84
N ALA A 207 9.65 10.91 -8.83
CA ALA A 207 10.81 11.58 -8.26
C ALA A 207 11.99 11.59 -9.23
N TRP A 208 12.25 10.45 -9.89
CA TRP A 208 13.38 10.38 -10.81
C TRP A 208 13.16 11.23 -12.05
N THR A 209 11.91 11.54 -12.40
CA THR A 209 11.63 12.39 -13.55
C THR A 209 11.97 13.86 -13.28
N LEU A 210 12.05 14.25 -12.01
CA LEU A 210 12.45 15.62 -11.69
C LEU A 210 13.90 15.91 -12.07
N TYR A 211 14.74 14.89 -12.18
CA TYR A 211 16.14 15.13 -12.54
C TYR A 211 16.29 15.56 -14.00
N PRO A 212 15.72 14.86 -14.98
CA PRO A 212 15.80 15.37 -16.36
C PRO A 212 15.12 16.72 -16.56
N ILE A 213 14.14 17.06 -15.73
CA ILE A 213 13.53 18.39 -15.82
C ILE A 213 14.52 19.45 -15.38
N ALA A 214 15.19 19.23 -14.25
CA ALA A 214 16.27 20.13 -13.84
C ALA A 214 17.39 20.15 -14.86
N TYR A 215 17.61 19.02 -15.54
CA TYR A 215 18.62 18.94 -16.59
C TYR A 215 18.31 19.89 -17.74
N LEU A 216 17.03 20.13 -18.02
CA LEU A 216 16.60 20.94 -19.14
C LEU A 216 16.38 22.41 -18.79
N VAL A 217 16.60 22.78 -17.53
CA VAL A 217 16.40 24.16 -17.08
C VAL A 217 17.16 25.16 -17.95
N PRO A 218 18.42 24.91 -18.34
CA PRO A 218 19.10 25.85 -19.24
C PRO A 218 18.37 26.09 -20.57
N ALA A 219 17.46 25.19 -20.96
CA ALA A 219 16.78 25.30 -22.24
C ALA A 219 15.47 26.08 -22.18
N PHE A 220 14.92 26.31 -20.98
CA PHE A 220 13.67 27.05 -20.86
C PHE A 220 13.68 28.12 -19.78
N MET A 221 14.72 28.22 -18.95
CA MET A 221 14.83 29.26 -17.95
C MET A 221 16.32 29.48 -17.66
N ASN A 222 17.00 30.13 -18.60
CA ASN A 222 18.44 30.36 -18.49
C ASN A 222 18.69 31.74 -17.86
N ASN A 223 18.44 31.79 -16.55
CA ASN A 223 18.70 32.99 -15.76
C ASN A 223 19.00 32.55 -14.34
N ALA A 224 19.19 33.54 -13.46
CA ALA A 224 19.50 33.24 -12.07
C ALA A 224 18.35 32.52 -11.38
N ASP A 225 17.11 32.84 -11.74
CA ASP A 225 15.96 32.17 -11.13
C ASP A 225 15.88 30.71 -11.55
N GLY A 226 16.25 30.41 -12.80
CA GLY A 226 16.33 29.02 -13.23
C GLY A 226 17.37 28.24 -12.48
N VAL A 227 18.48 28.90 -12.10
CA VAL A 227 19.48 28.24 -11.28
C VAL A 227 18.91 27.91 -9.90
N VAL A 228 18.11 28.83 -9.34
CA VAL A 228 17.44 28.55 -8.07
C VAL A 228 16.43 27.42 -8.25
N LEU A 229 15.64 27.49 -9.32
CA LEU A 229 14.65 26.45 -9.58
C LEU A 229 15.30 25.08 -9.72
N ARG A 230 16.46 25.02 -10.38
CA ARG A 230 17.13 23.74 -10.57
C ARG A 230 17.54 23.12 -9.25
N GLN A 231 18.16 23.91 -8.36
CA GLN A 231 18.52 23.40 -7.05
C GLN A 231 17.28 23.05 -6.23
N LEU A 232 16.17 23.76 -6.46
CA LEU A 232 14.92 23.42 -5.79
C LEU A 232 14.42 22.05 -6.25
N LEU A 233 14.43 21.81 -7.56
CA LEU A 233 13.98 20.52 -8.09
C LEU A 233 14.89 19.40 -7.59
N PHE A 234 16.20 19.62 -7.59
CA PHE A 234 17.13 18.62 -7.07
C PHE A 234 16.84 18.30 -5.61
N THR A 235 16.54 19.33 -4.81
CA THR A 235 16.24 19.12 -3.40
C THR A 235 14.97 18.29 -3.21
N ILE A 236 13.91 18.64 -3.96
CA ILE A 236 12.68 17.88 -3.90
C ILE A 236 12.91 16.45 -4.40
N ALA A 237 13.72 16.30 -5.44
CA ALA A 237 13.95 14.99 -6.03
C ALA A 237 14.80 14.11 -5.12
N ASP A 238 15.81 14.69 -4.47
CA ASP A 238 16.65 13.91 -3.55
C ASP A 238 15.84 13.39 -2.37
N ILE A 239 15.11 14.29 -1.70
CA ILE A 239 14.31 13.90 -0.55
C ILE A 239 13.27 12.86 -0.95
N SER A 240 12.68 13.02 -2.14
CA SER A 240 11.67 12.06 -2.59
C SER A 240 12.31 10.72 -2.94
N SER A 241 13.36 10.73 -3.77
CA SER A 241 13.92 9.49 -4.32
C SER A 241 14.79 8.73 -3.33
N LYS A 242 15.29 9.38 -2.28
CA LYS A 242 16.18 8.75 -1.34
C LYS A 242 15.57 8.58 0.05
N VAL A 243 15.05 9.66 0.63
CA VAL A 243 14.56 9.59 2.00
C VAL A 243 13.16 9.00 2.06
N ILE A 244 12.19 9.64 1.38
CA ILE A 244 10.82 9.13 1.41
C ILE A 244 10.77 7.73 0.81
N TYR A 245 11.43 7.53 -0.34
CA TYR A 245 11.52 6.21 -0.94
C TYR A 245 12.13 5.20 0.03
N GLY A 246 13.22 5.57 0.69
CA GLY A 246 13.85 4.67 1.65
C GLY A 246 12.98 4.33 2.84
N LEU A 247 12.15 5.28 3.28
CA LEU A 247 11.24 5.00 4.39
C LEU A 247 10.20 3.97 3.98
N MET A 248 9.76 4.01 2.73
CA MET A 248 8.77 3.05 2.25
C MET A 248 9.38 1.67 2.07
N ILE A 249 10.61 1.61 1.54
CA ILE A 249 11.30 0.33 1.45
C ILE A 249 11.48 -0.29 2.83
N THR A 250 11.81 0.55 3.82
CA THR A 250 11.96 0.05 5.18
C THR A 250 10.64 -0.43 5.76
N TYR A 251 9.55 0.31 5.54
CA TYR A 251 8.25 -0.16 5.99
C TYR A 251 7.90 -1.50 5.35
N ILE A 252 8.16 -1.64 4.06
CA ILE A 252 7.89 -2.90 3.38
C ILE A 252 8.73 -4.02 3.98
N ALA A 253 10.01 -3.74 4.26
CA ALA A 253 10.87 -4.76 4.84
C ALA A 253 10.43 -5.14 6.24
N ILE A 254 9.94 -4.17 7.03
CA ILE A 254 9.46 -4.48 8.36
C ILE A 254 8.13 -5.21 8.30
N GLN A 255 7.25 -4.80 7.39
CA GLN A 255 5.95 -5.44 7.28
C GLN A 255 6.08 -6.90 6.85
N GLN A 256 6.93 -7.17 5.86
CA GLN A 256 7.18 -8.55 5.46
C GLN A 256 7.90 -9.33 6.56
N SER A 257 8.75 -8.66 7.33
CA SER A 257 9.42 -9.31 8.46
C SER A 257 8.40 -9.80 9.49
N ALA A 258 7.50 -8.91 9.91
CA ALA A 258 6.50 -9.28 10.90
C ALA A 258 5.55 -10.34 10.35
N ALA A 259 5.20 -10.24 9.07
CA ALA A 259 4.30 -11.23 8.47
C ALA A 259 4.91 -12.62 8.47
N ALA A 260 6.25 -12.71 8.39
CA ALA A 260 6.94 -13.99 8.42
C ALA A 260 7.21 -14.48 9.84
N GLY A 261 6.79 -13.73 10.87
CA GLY A 261 6.95 -14.15 12.24
C GLY A 261 8.12 -13.55 12.98
N TYR A 262 8.89 -12.66 12.35
CA TYR A 262 10.01 -12.01 13.01
C TYR A 262 9.49 -11.15 14.16
N VAL A 263 9.75 -11.58 15.40
CA VAL A 263 9.09 -10.96 16.55
C VAL A 263 9.45 -9.50 16.73
N PRO A 264 10.73 -9.09 16.75
CA PRO A 264 11.01 -7.66 16.99
C PRO A 264 10.44 -6.73 15.93
N ALA A 265 10.20 -7.22 14.72
CA ALA A 265 9.50 -6.43 13.73
C ALA A 265 8.04 -6.21 14.12
N GLN A 266 7.47 -7.14 14.88
CA GLN A 266 6.05 -7.03 15.25
C GLN A 266 5.85 -6.01 16.35
N GLN A 267 6.79 -5.89 17.29
CA GLN A 267 6.70 -4.84 18.30
C GLN A 267 6.85 -3.46 17.66
N ALA A 268 7.76 -3.33 16.69
CA ALA A 268 7.98 -2.04 16.05
C ALA A 268 6.70 -1.55 15.36
N LEU A 269 5.96 -2.45 14.72
CA LEU A 269 4.70 -2.07 14.11
C LEU A 269 3.59 -1.90 15.13
N GLY A 270 3.68 -2.60 16.28
CA GLY A 270 2.69 -2.42 17.32
C GLY A 270 2.72 -1.05 17.95
N ARG A 271 3.88 -0.38 17.90
CA ARG A 271 3.98 0.95 18.50
C ARG A 271 3.20 1.97 17.68
N ILE A 272 3.18 1.82 16.36
CA ILE A 272 2.41 2.72 15.50
C ILE A 272 0.96 2.28 15.43
N ASN B 10 -12.79 7.92 4.05
CA ASN B 10 -13.40 8.99 4.84
C ASN B 10 -13.39 8.63 6.33
N ILE B 11 -12.51 9.29 7.10
CA ILE B 11 -12.42 8.98 8.52
C ILE B 11 -13.61 9.54 9.29
N GLU B 12 -14.35 10.49 8.73
CA GLU B 12 -15.52 11.00 9.41
C GLU B 12 -16.61 9.93 9.53
N SER B 13 -16.67 9.00 8.57
CA SER B 13 -17.67 7.95 8.60
C SER B 13 -17.29 6.79 9.51
N LEU B 14 -16.08 6.80 10.09
CA LEU B 14 -15.62 5.68 10.90
C LEU B 14 -16.08 5.75 12.35
N PHE B 15 -16.44 6.92 12.85
CA PHE B 15 -16.60 7.12 14.28
C PHE B 15 -18.01 7.59 14.64
N ASP B 16 -18.42 7.26 15.85
CA ASP B 16 -19.57 7.86 16.50
C ASP B 16 -19.09 9.04 17.33
N TYR B 17 -19.80 10.16 17.24
CA TYR B 17 -19.37 11.39 17.89
C TYR B 17 -20.20 11.68 19.13
N SER B 18 -19.53 12.06 20.20
CA SER B 18 -20.22 12.58 21.37
C SER B 18 -20.93 13.87 21.01
N ALA B 19 -21.98 14.18 21.79
CA ALA B 19 -22.77 15.38 21.52
C ALA B 19 -21.92 16.64 21.53
N GLY B 20 -20.97 16.73 22.47
CA GLY B 20 -20.08 17.87 22.49
C GLY B 20 -19.22 17.97 21.24
N GLN B 21 -18.66 16.84 20.79
CA GLN B 21 -17.85 16.85 19.58
C GLN B 21 -18.69 17.23 18.36
N PHE B 22 -19.88 16.65 18.23
CA PHE B 22 -20.71 16.90 17.06
C PHE B 22 -21.15 18.36 17.01
N GLU B 23 -21.59 18.91 18.15
CA GLU B 23 -22.00 20.31 18.19
C GLU B 23 -20.82 21.22 17.86
N PHE B 24 -19.63 20.89 18.37
CA PHE B 24 -18.47 21.72 18.13
C PHE B 24 -18.18 21.85 16.63
N ILE B 25 -18.22 20.73 15.91
CA ILE B 25 -18.00 20.77 14.46
C ILE B 25 -19.10 21.57 13.78
N ASP B 26 -20.34 21.39 14.23
CA ASP B 26 -21.45 22.13 13.64
C ASP B 26 -21.29 23.64 13.88
N HIS B 27 -20.81 24.02 15.07
CA HIS B 27 -20.65 25.44 15.37
C HIS B 27 -19.49 26.04 14.59
N LEU B 28 -18.42 25.27 14.40
CA LEU B 28 -17.28 25.77 13.64
C LEU B 28 -17.67 26.06 12.20
N LEU B 29 -18.46 25.18 11.59
CA LEU B 29 -18.90 25.41 10.22
C LEU B 29 -19.87 26.59 10.13
N THR B 30 -20.83 26.66 11.06
CA THR B 30 -21.76 27.78 11.06
C THR B 30 -21.03 29.10 11.30
N MET B 31 -20.10 29.12 12.25
CA MET B 31 -19.29 30.31 12.47
C MET B 31 -18.44 30.63 11.25
N GLY B 32 -18.02 29.61 10.50
CA GLY B 32 -17.25 29.87 9.29
C GLY B 32 -18.09 30.50 8.20
N VAL B 33 -19.36 30.10 8.08
CA VAL B 33 -20.26 30.72 7.12
C VAL B 33 -20.48 32.18 7.48
N GLY B 34 -20.71 32.45 8.77
CA GLY B 34 -20.98 33.81 9.19
C GLY B 34 -19.83 34.77 8.94
N VAL B 35 -18.60 34.32 9.22
CA VAL B 35 -17.44 35.19 9.04
C VAL B 35 -17.20 35.48 7.57
N HIS B 36 -17.33 34.46 6.70
CA HIS B 36 -17.14 34.68 5.28
C HIS B 36 -18.17 35.63 4.70
N PHE B 37 -19.44 35.49 5.13
CA PHE B 37 -20.47 36.40 4.65
C PHE B 37 -20.34 37.78 5.26
N ALA B 38 -19.89 37.86 6.52
CA ALA B 38 -19.62 39.16 7.11
C ALA B 38 -18.49 39.87 6.38
N ALA B 39 -17.46 39.12 5.97
CA ALA B 39 -16.39 39.70 5.18
C ALA B 39 -16.88 40.11 3.80
N LEU B 40 -17.80 39.32 3.23
CA LEU B 40 -18.36 39.65 1.91
C LEU B 40 -18.99 41.03 1.91
N ILE B 41 -19.80 41.32 2.93
CA ILE B 41 -20.44 42.63 3.01
C ILE B 41 -19.39 43.73 3.15
N PHE B 42 -18.36 43.48 3.94
CA PHE B 42 -17.32 44.48 4.14
C PHE B 42 -16.58 44.76 2.84
N PHE B 43 -16.18 43.71 2.13
CA PHE B 43 -15.45 43.91 0.88
C PHE B 43 -16.28 44.65 -0.15
N LEU B 44 -17.58 44.39 -0.18
CA LEU B 44 -18.46 45.07 -1.13
C LEU B 44 -18.56 46.55 -0.85
N VAL B 45 -18.58 46.91 0.43
CA VAL B 45 -18.79 48.31 0.79
C VAL B 45 -17.52 49.13 0.63
N VAL B 46 -16.35 48.56 0.92
CA VAL B 46 -15.10 49.31 0.80
C VAL B 46 -14.54 49.30 -0.61
N SER B 47 -15.16 48.56 -1.53
CA SER B 47 -14.67 48.53 -2.90
C SER B 47 -14.69 49.91 -3.55
N GLN B 48 -15.63 50.76 -3.13
CA GLN B 48 -15.70 52.11 -3.67
C GLN B 48 -14.47 52.95 -3.31
N PHE B 49 -13.79 52.60 -2.22
CA PHE B 49 -12.59 53.30 -1.81
C PHE B 49 -11.32 52.73 -2.43
N VAL B 50 -11.46 51.78 -3.34
CA VAL B 50 -10.33 51.22 -4.08
C VAL B 50 -10.36 51.79 -5.48
N ALA B 51 -9.21 52.25 -5.97
CA ALA B 51 -9.15 52.75 -7.34
C ALA B 51 -9.51 51.62 -8.31
N PRO B 52 -10.09 51.96 -9.46
CA PRO B 52 -10.48 50.92 -10.42
C PRO B 52 -9.30 50.06 -10.88
N LYS B 53 -8.08 50.58 -10.81
CA LYS B 53 -6.91 49.81 -11.19
C LYS B 53 -6.70 48.60 -10.28
N TYR B 54 -7.05 48.74 -9.00
CA TYR B 54 -6.91 47.66 -8.03
C TYR B 54 -8.23 47.03 -7.63
N ARG B 55 -9.37 47.60 -8.04
CA ARG B 55 -10.67 47.14 -7.54
C ARG B 55 -10.94 45.68 -7.86
N ILE B 56 -10.31 45.14 -8.91
CA ILE B 56 -10.48 43.73 -9.24
C ILE B 56 -9.95 42.85 -8.11
N ALA B 57 -8.90 43.29 -7.43
CA ALA B 57 -8.37 42.53 -6.31
C ALA B 57 -9.39 42.40 -5.18
N THR B 58 -10.12 43.47 -4.90
CA THR B 58 -11.15 43.41 -3.86
C THR B 58 -12.36 42.61 -4.33
N ALA B 59 -12.70 42.74 -5.61
CA ALA B 59 -13.84 41.98 -6.15
C ALA B 59 -13.58 40.48 -6.09
N LEU B 60 -12.34 40.06 -6.31
CA LEU B 60 -12.00 38.64 -6.21
C LEU B 60 -12.19 38.13 -4.78
N SER B 61 -11.94 39.00 -3.78
CA SER B 61 -12.19 38.59 -2.40
C SER B 61 -13.67 38.31 -2.17
N CYS B 62 -14.54 39.12 -2.78
CA CYS B 62 -15.97 38.86 -2.72
C CYS B 62 -16.31 37.51 -3.32
N ILE B 63 -15.78 37.23 -4.51
CA ILE B 63 -16.01 35.93 -5.15
C ILE B 63 -15.56 34.79 -4.23
N VAL B 64 -14.42 34.97 -3.58
CA VAL B 64 -13.94 33.94 -2.65
C VAL B 64 -14.89 33.80 -1.47
N MET B 65 -15.41 34.92 -0.97
CA MET B 65 -16.31 34.87 0.18
C MET B 65 -17.61 34.15 -0.15
N VAL B 66 -18.18 34.41 -1.33
CA VAL B 66 -19.46 33.77 -1.70
C VAL B 66 -19.28 32.26 -1.80
N SER B 67 -18.34 31.81 -2.63
CA SER B 67 -18.17 30.37 -2.84
C SER B 67 -17.73 29.66 -1.57
N ALA B 68 -16.77 30.24 -0.84
CA ALA B 68 -16.37 29.64 0.43
C ALA B 68 -17.53 29.63 1.42
N GLY B 69 -18.34 30.69 1.42
CA GLY B 69 -19.47 30.75 2.34
C GLY B 69 -20.55 29.74 1.98
N LEU B 70 -20.90 29.66 0.69
CA LEU B 70 -21.95 28.74 0.27
C LEU B 70 -21.54 27.30 0.45
N ILE B 71 -20.28 26.97 0.16
CA ILE B 71 -19.82 25.59 0.26
C ILE B 71 -19.70 25.18 1.73
N LEU B 72 -19.30 26.10 2.60
CA LEU B 72 -19.27 25.81 4.03
C LEU B 72 -20.67 25.58 4.58
N ASN B 73 -21.66 26.30 4.05
CA ASN B 73 -23.03 26.13 4.52
C ASN B 73 -23.60 24.78 4.08
N SER B 74 -23.27 24.35 2.87
CA SER B 74 -23.71 23.03 2.42
C SER B 74 -23.05 21.91 3.22
N GLN B 75 -21.80 22.12 3.65
CA GLN B 75 -21.15 21.13 4.50
C GLN B 75 -21.80 21.07 5.88
N ALA B 76 -22.26 22.21 6.40
CA ALA B 76 -23.01 22.19 7.65
C ALA B 76 -24.36 21.51 7.49
N VAL B 77 -24.97 21.63 6.31
CA VAL B 77 -26.21 20.92 6.04
C VAL B 77 -25.96 19.42 5.96
N MET B 78 -24.89 19.00 5.28
CA MET B 78 -24.56 17.59 5.19
C MET B 78 -24.15 17.02 6.53
N TRP B 79 -23.58 17.84 7.41
CA TRP B 79 -23.13 17.34 8.71
C TRP B 79 -24.31 16.99 9.61
N THR B 80 -25.39 17.77 9.55
CA THR B 80 -26.56 17.50 10.38
C THR B 80 -27.46 16.45 9.74
N ASP B 81 -27.62 16.50 8.42
CA ASP B 81 -28.52 15.58 7.72
C ASP B 81 -27.97 14.16 7.61
N ALA B 82 -26.76 13.90 8.10
CA ALA B 82 -26.16 12.58 7.98
C ALA B 82 -25.97 11.87 9.31
N TYR B 83 -26.05 12.59 10.42
CA TYR B 83 -25.84 12.01 11.75
C TYR B 83 -27.05 12.31 12.62
N ALA B 84 -27.59 11.28 13.27
CA ALA B 84 -28.70 11.48 14.20
C ALA B 84 -28.29 11.00 15.59
N TYR B 85 -29.02 11.48 16.58
CA TYR B 85 -28.71 11.24 17.98
C TYR B 85 -29.52 10.03 18.47
N VAL B 86 -28.83 8.93 18.73
CA VAL B 86 -29.46 7.71 19.26
C VAL B 86 -28.53 7.09 20.28
N ASP B 87 -29.06 6.84 21.49
CA ASP B 87 -28.31 6.22 22.58
C ASP B 87 -27.07 7.04 22.95
N GLY B 88 -27.21 8.37 22.95
CA GLY B 88 -26.19 9.26 23.46
C GLY B 88 -25.05 9.58 22.51
N SER B 89 -25.14 9.16 21.25
CA SER B 89 -24.06 9.43 20.31
C SER B 89 -24.64 9.74 18.93
N TYR B 90 -23.83 10.41 18.12
CA TYR B 90 -24.17 10.71 16.74
C TYR B 90 -23.47 9.69 15.84
N GLN B 91 -24.25 8.78 15.27
CA GLN B 91 -23.76 7.80 14.33
C GLN B 91 -23.91 8.35 12.91
N LEU B 92 -23.45 7.62 11.91
CA LEU B 92 -23.55 8.08 10.53
C LEU B 92 -24.69 7.33 9.83
N GLN B 93 -25.67 8.08 9.32
CA GLN B 93 -26.92 7.53 8.84
C GLN B 93 -27.08 7.57 7.32
N ASP B 94 -26.10 8.10 6.59
CA ASP B 94 -26.19 8.08 5.13
C ASP B 94 -24.80 8.22 4.54
N LEU B 95 -24.67 7.75 3.30
CA LEU B 95 -23.43 7.77 2.55
C LEU B 95 -23.06 9.14 2.03
N THR B 96 -23.79 10.18 2.43
CA THR B 96 -23.62 11.51 1.85
C THR B 96 -22.22 12.06 2.13
N PHE B 97 -21.81 12.06 3.39
CA PHE B 97 -20.73 12.95 3.82
C PHE B 97 -19.43 12.63 3.11
N SER B 98 -18.83 13.67 2.54
CA SER B 98 -17.57 13.61 1.84
C SER B 98 -16.85 14.94 2.09
N ASN B 99 -15.52 14.89 2.04
CA ASN B 99 -14.73 16.11 2.07
C ASN B 99 -14.39 16.60 0.67
N GLY B 100 -14.96 15.97 -0.37
CA GLY B 100 -14.61 16.33 -1.74
C GLY B 100 -14.97 17.74 -2.12
N TYR B 101 -15.98 18.32 -1.47
CA TYR B 101 -16.44 19.66 -1.81
C TYR B 101 -15.59 20.76 -1.19
N ARG B 102 -14.69 20.41 -0.28
CA ARG B 102 -13.64 21.35 0.08
C ARG B 102 -12.59 21.43 -1.02
N TYR B 103 -12.33 20.32 -1.71
CA TYR B 103 -11.36 20.33 -2.79
C TYR B 103 -11.90 21.09 -4.00
N VAL B 104 -13.21 21.08 -4.22
CA VAL B 104 -13.75 21.91 -5.29
C VAL B 104 -13.81 23.37 -4.87
N ASN B 105 -13.95 23.65 -3.57
CA ASN B 105 -13.80 25.02 -3.11
C ASN B 105 -12.37 25.50 -3.28
N TRP B 106 -11.39 24.63 -3.02
CA TRP B 106 -10.00 25.02 -3.17
C TRP B 106 -9.65 25.30 -4.63
N MET B 107 -10.12 24.46 -5.55
CA MET B 107 -9.88 24.73 -6.97
C MET B 107 -10.58 25.98 -7.43
N ALA B 108 -11.63 26.42 -6.73
CA ALA B 108 -12.34 27.63 -7.13
C ALA B 108 -11.70 28.88 -6.52
N THR B 109 -11.27 28.80 -5.26
CA THR B 109 -10.83 29.98 -4.52
C THR B 109 -9.32 30.22 -4.61
N ILE B 110 -8.51 29.17 -4.71
CA ILE B 110 -7.06 29.36 -4.82
C ILE B 110 -6.67 30.23 -6.01
N PRO B 111 -7.21 30.02 -7.22
CA PRO B 111 -6.83 30.92 -8.33
C PRO B 111 -7.14 32.38 -8.06
N CYS B 112 -8.27 32.65 -7.40
CA CYS B 112 -8.63 34.03 -7.07
C CYS B 112 -7.71 34.60 -6.00
N LEU B 113 -7.37 33.78 -5.01
CA LEU B 113 -6.42 34.22 -3.99
C LEU B 113 -5.07 34.57 -4.59
N LEU B 114 -4.60 33.77 -5.54
CA LEU B 114 -3.32 34.04 -6.18
C LEU B 114 -3.43 35.22 -7.14
N LEU B 115 -4.56 35.33 -7.86
CA LEU B 115 -4.71 36.38 -8.84
C LEU B 115 -4.73 37.76 -8.19
N GLN B 116 -5.42 37.89 -7.06
CA GLN B 116 -5.49 39.18 -6.39
C GLN B 116 -4.15 39.59 -5.79
N LEU B 117 -3.29 38.63 -5.47
CA LEU B 117 -1.94 38.98 -5.03
C LEU B 117 -1.12 39.54 -6.18
N LEU B 118 -1.24 38.93 -7.36
CA LEU B 118 -0.48 39.41 -8.52
C LEU B 118 -0.93 40.81 -8.93
N ILE B 119 -2.18 41.17 -8.66
CA ILE B 119 -2.68 42.47 -9.07
C ILE B 119 -2.11 43.57 -8.18
N VAL B 120 -2.13 43.36 -6.86
CA VAL B 120 -1.55 44.37 -5.98
C VAL B 120 -0.02 44.40 -6.09
N LEU B 121 0.58 43.34 -6.63
CA LEU B 121 2.01 43.35 -6.96
C LEU B 121 2.32 44.18 -8.19
N ASN B 122 1.29 44.71 -8.86
CA ASN B 122 1.42 45.57 -10.03
C ASN B 122 1.97 44.86 -11.25
N LEU B 123 1.88 43.53 -11.30
CA LEU B 123 2.14 42.82 -12.54
C LEU B 123 1.04 43.14 -13.55
N LYS B 124 1.43 43.27 -14.81
CA LYS B 124 0.49 43.61 -15.86
C LYS B 124 0.86 42.88 -17.14
N GLY B 125 -0.09 42.87 -18.08
CA GLY B 125 0.13 42.34 -19.42
C GLY B 125 0.66 40.93 -19.50
N LYS B 126 1.80 40.77 -20.17
CA LYS B 126 2.33 39.43 -20.44
C LYS B 126 2.77 38.74 -19.16
N GLU B 127 3.48 39.45 -18.27
CA GLU B 127 3.98 38.82 -17.06
C GLU B 127 2.84 38.42 -16.13
N LEU B 128 1.79 39.23 -16.06
CA LEU B 128 0.63 38.88 -15.26
C LEU B 128 -0.04 37.62 -15.79
N PHE B 129 -0.32 37.59 -17.09
CA PHE B 129 -0.99 36.43 -17.68
C PHE B 129 -0.11 35.18 -17.61
N SER B 130 1.19 35.33 -17.85
CA SER B 130 2.09 34.18 -17.81
C SER B 130 2.23 33.63 -16.40
N THR B 131 2.41 34.52 -15.41
CA THR B 131 2.55 34.07 -14.03
C THR B 131 1.26 33.42 -13.53
N ALA B 132 0.10 34.00 -13.88
CA ALA B 132 -1.17 33.42 -13.49
C ALA B 132 -1.33 32.01 -14.04
N THR B 133 -0.92 31.80 -15.29
CA THR B 133 -1.09 30.48 -15.91
C THR B 133 -0.31 29.41 -15.18
N TRP B 134 0.96 29.69 -14.84
CA TRP B 134 1.78 28.68 -14.20
C TRP B 134 1.36 28.46 -12.75
N LEU B 135 0.96 29.52 -12.05
CA LEU B 135 0.49 29.37 -10.67
C LEU B 135 -0.78 28.53 -10.62
N ILE B 136 -1.73 28.81 -11.51
CA ILE B 136 -2.95 28.01 -11.58
C ILE B 136 -2.63 26.58 -11.98
N LEU B 137 -1.69 26.41 -12.92
CA LEU B 137 -1.23 25.08 -13.29
C LEU B 137 -0.67 24.34 -12.09
N ALA B 138 0.16 25.01 -11.30
CA ALA B 138 0.77 24.37 -10.13
C ALA B 138 -0.27 24.09 -9.05
N ALA B 139 -1.23 25.01 -8.88
CA ALA B 139 -2.30 24.77 -7.92
C ALA B 139 -3.20 23.63 -8.37
N TRP B 140 -3.43 23.53 -9.68
CA TRP B 140 -4.26 22.44 -10.21
C TRP B 140 -3.61 21.09 -9.93
N GLY B 141 -2.31 20.97 -10.18
CA GLY B 141 -1.62 19.72 -9.91
C GLY B 141 -1.61 19.37 -8.44
N MET B 142 -1.51 20.38 -7.57
CA MET B 142 -1.51 20.15 -6.13
C MET B 142 -2.86 19.62 -5.67
N ILE B 143 -3.95 20.12 -6.24
CA ILE B 143 -5.28 19.82 -5.72
C ILE B 143 -5.76 18.45 -6.20
N ILE B 144 -5.51 18.10 -7.47
CA ILE B 144 -6.03 16.82 -7.95
C ILE B 144 -5.21 15.65 -7.41
N THR B 145 -3.89 15.83 -7.24
CA THR B 145 -3.10 14.76 -6.63
C THR B 145 -3.47 14.60 -5.16
N GLY B 146 -3.70 15.71 -4.46
CA GLY B 146 -4.17 15.63 -3.08
C GLY B 146 -5.58 15.07 -2.97
N TYR B 147 -6.42 15.36 -3.95
CA TYR B 147 -7.78 14.80 -3.94
C TYR B 147 -7.75 13.30 -4.13
N VAL B 148 -6.89 12.81 -5.02
CA VAL B 148 -6.77 11.37 -5.21
C VAL B 148 -6.17 10.71 -3.97
N GLY B 149 -5.20 11.39 -3.34
CA GLY B 149 -4.59 10.83 -2.16
C GLY B 149 -5.57 10.68 -1.00
N GLN B 150 -6.41 11.69 -0.78
CA GLN B 150 -7.37 11.62 0.32
C GLN B 150 -8.48 10.62 0.06
N LEU B 151 -8.67 10.19 -1.20
CA LEU B 151 -9.61 9.12 -1.50
C LEU B 151 -9.21 7.82 -0.81
N TYR B 152 -7.95 7.68 -0.40
CA TYR B 152 -7.45 6.48 0.26
C TYR B 152 -7.06 6.74 1.71
N GLU B 153 -7.60 7.80 2.33
CA GLU B 153 -7.18 8.16 3.68
C GLU B 153 -7.60 7.12 4.71
N VAL B 154 -8.53 6.22 4.38
CA VAL B 154 -8.89 5.11 5.23
C VAL B 154 -8.40 3.79 4.67
N ASP B 155 -8.56 3.57 3.37
CA ASP B 155 -8.26 2.26 2.79
C ASP B 155 -6.75 2.04 2.63
N ASP B 156 -6.01 3.06 2.20
CA ASP B 156 -4.61 2.89 1.82
C ASP B 156 -3.81 4.13 2.22
N ILE B 157 -3.20 4.09 3.41
CA ILE B 157 -2.36 5.18 3.87
C ILE B 157 -1.19 5.41 2.91
N ALA B 158 -0.71 4.34 2.27
CA ALA B 158 0.39 4.47 1.33
C ALA B 158 0.04 5.41 0.18
N GLN B 159 -1.18 5.29 -0.37
CA GLN B 159 -1.60 6.20 -1.42
C GLN B 159 -1.78 7.62 -0.89
N LEU B 160 -2.20 7.75 0.37
CA LEU B 160 -2.36 9.08 0.96
C LEU B 160 -1.04 9.82 1.03
N MET B 161 0.04 9.10 1.36
CA MET B 161 1.34 9.75 1.57
C MET B 161 2.09 9.98 0.26
N ILE B 162 1.98 9.07 -0.70
CA ILE B 162 2.72 9.25 -1.96
C ILE B 162 2.07 10.33 -2.80
N TRP B 163 0.74 10.39 -2.83
CA TRP B 163 0.08 11.47 -3.54
C TRP B 163 0.21 12.78 -2.78
N GLY B 164 0.28 12.71 -1.44
CA GLY B 164 0.59 13.90 -0.66
C GLY B 164 2.01 14.39 -0.90
N ALA B 165 2.95 13.48 -1.16
CA ALA B 165 4.30 13.89 -1.50
C ALA B 165 4.34 14.56 -2.87
N VAL B 166 3.61 14.02 -3.85
CA VAL B 166 3.55 14.64 -5.16
C VAL B 166 2.85 16.00 -5.07
N SER B 167 1.75 16.07 -4.32
CA SER B 167 1.02 17.32 -4.17
C SER B 167 1.88 18.38 -3.49
N THR B 168 2.64 17.99 -2.46
CA THR B 168 3.52 18.91 -1.79
C THR B 168 4.58 19.49 -2.73
N ALA B 169 5.03 18.70 -3.70
CA ALA B 169 6.01 19.21 -4.66
C ALA B 169 5.44 20.36 -5.48
N PHE B 170 4.17 20.25 -5.89
CA PHE B 170 3.51 21.37 -6.54
C PHE B 170 3.38 22.56 -5.60
N PHE B 171 3.08 22.28 -4.33
CA PHE B 171 2.97 23.33 -3.32
C PHE B 171 4.28 24.11 -3.20
N VAL B 172 5.41 23.40 -3.13
CA VAL B 172 6.70 24.06 -2.97
C VAL B 172 7.04 24.89 -4.20
N VAL B 173 6.82 24.34 -5.39
CA VAL B 173 7.10 25.09 -6.62
C VAL B 173 6.18 26.30 -6.73
N MET B 174 4.90 26.13 -6.36
CA MET B 174 3.97 27.25 -6.39
C MET B 174 4.42 28.37 -5.44
N ASN B 175 4.91 28.00 -4.25
CA ASN B 175 5.37 29.01 -3.31
C ASN B 175 6.66 29.67 -3.80
N TRP B 176 7.50 28.93 -4.52
CA TRP B 176 8.71 29.53 -5.08
C TRP B 176 8.36 30.60 -6.11
N ILE B 177 7.39 30.32 -6.98
CA ILE B 177 6.95 31.32 -7.95
C ILE B 177 6.40 32.54 -7.23
N VAL B 178 5.60 32.33 -6.19
CA VAL B 178 5.01 33.45 -5.46
C VAL B 178 6.09 34.27 -4.77
N GLY B 179 6.96 33.61 -4.01
CA GLY B 179 8.03 34.32 -3.33
C GLY B 179 8.93 35.08 -4.29
N THR B 180 9.27 34.45 -5.42
CA THR B 180 10.12 35.12 -6.40
C THR B 180 9.46 36.38 -6.95
N LYS B 181 8.16 36.30 -7.26
CA LYS B 181 7.46 37.47 -7.79
C LYS B 181 7.30 38.56 -6.74
N ILE B 182 7.09 38.18 -5.47
CA ILE B 182 6.90 39.17 -4.43
C ILE B 182 8.20 39.94 -4.16
N PHE B 183 9.30 39.21 -3.96
CA PHE B 183 10.56 39.86 -3.61
C PHE B 183 11.18 40.58 -4.80
N LYS B 184 10.78 40.25 -6.03
CA LYS B 184 11.28 40.97 -7.20
C LYS B 184 10.46 42.19 -7.54
N ASN B 185 9.25 42.33 -6.99
CA ASN B 185 8.35 43.42 -7.34
C ASN B 185 7.93 44.27 -6.15
N ARG B 186 8.44 44.01 -4.94
CA ARG B 186 8.04 44.81 -3.79
C ARG B 186 8.55 46.24 -3.90
N ALA B 187 9.69 46.45 -4.57
CA ALA B 187 10.20 47.80 -4.74
C ALA B 187 9.31 48.66 -5.62
N THR B 188 8.49 48.05 -6.47
CA THR B 188 7.59 48.79 -7.34
C THR B 188 6.32 49.28 -6.62
N MET B 189 6.08 48.83 -5.40
CA MET B 189 4.79 49.05 -4.76
C MET B 189 4.74 50.40 -4.07
N LEU B 190 3.52 50.94 -3.96
CA LEU B 190 3.29 52.30 -3.53
C LEU B 190 2.77 52.34 -2.09
N GLY B 191 2.74 53.55 -1.53
CA GLY B 191 2.18 53.76 -0.21
C GLY B 191 2.90 53.05 0.91
N GLY B 192 4.14 52.61 0.68
CA GLY B 192 4.87 51.86 1.67
C GLY B 192 4.42 50.42 1.83
N THR B 193 3.61 49.90 0.91
CA THR B 193 3.09 48.55 1.01
C THR B 193 4.15 47.48 0.74
N ASP B 194 5.39 47.87 0.39
CA ASP B 194 6.45 46.88 0.29
C ASP B 194 6.70 46.19 1.63
N SER B 195 6.47 46.90 2.74
CA SER B 195 6.54 46.27 4.04
C SER B 195 5.39 45.29 4.24
N THR B 196 4.18 45.66 3.82
CA THR B 196 3.00 44.85 4.08
C THR B 196 3.01 43.57 3.24
N ILE B 197 3.52 43.65 2.01
CA ILE B 197 3.42 42.51 1.10
C ILE B 197 4.29 41.34 1.59
N THR B 198 5.34 41.64 2.36
CA THR B 198 6.15 40.56 2.90
C THR B 198 5.45 39.85 4.06
N LYS B 199 4.70 40.60 4.87
CA LYS B 199 3.88 39.97 5.89
C LYS B 199 2.79 39.10 5.27
N VAL B 200 2.24 39.54 4.13
CA VAL B 200 1.24 38.75 3.42
C VAL B 200 1.83 37.40 3.02
N PHE B 201 3.07 37.40 2.55
CA PHE B 201 3.71 36.15 2.14
C PHE B 201 3.89 35.21 3.33
N TRP B 202 4.31 35.74 4.48
CA TRP B 202 4.46 34.90 5.66
C TRP B 202 3.12 34.37 6.14
N LEU B 203 2.09 35.22 6.14
CA LEU B 203 0.74 34.75 6.46
C LEU B 203 0.32 33.64 5.51
N MET B 204 0.60 33.81 4.20
CA MET B 204 0.27 32.78 3.23
C MET B 204 1.01 31.48 3.52
N MET B 205 2.30 31.58 3.85
CA MET B 205 3.09 30.38 4.16
C MET B 205 2.50 29.64 5.35
N PHE B 206 2.18 30.36 6.42
CA PHE B 206 1.65 29.73 7.61
C PHE B 206 0.26 29.15 7.38
N ALA B 207 -0.62 29.93 6.72
CA ALA B 207 -2.02 29.53 6.60
C ALA B 207 -2.19 28.34 5.65
N TRP B 208 -1.53 28.37 4.50
CA TRP B 208 -1.69 27.31 3.51
C TRP B 208 -1.06 26.00 3.96
N THR B 209 -0.05 26.04 4.82
CA THR B 209 0.58 24.82 5.33
C THR B 209 -0.32 24.09 6.32
N LEU B 210 -1.34 24.76 6.87
CA LEU B 210 -2.28 24.09 7.74
C LEU B 210 -3.13 23.06 7.00
N TYR B 211 -3.29 23.21 5.68
CA TYR B 211 -4.11 22.26 4.93
C TYR B 211 -3.44 20.89 4.79
N PRO B 212 -2.17 20.78 4.39
CA PRO B 212 -1.53 19.45 4.39
C PRO B 212 -1.40 18.84 5.78
N ILE B 213 -1.44 19.65 6.83
CA ILE B 213 -1.43 19.10 8.19
C ILE B 213 -2.76 18.41 8.49
N ALA B 214 -3.87 19.06 8.13
CA ALA B 214 -5.17 18.40 8.26
C ALA B 214 -5.29 17.20 7.34
N TYR B 215 -4.60 17.24 6.19
CA TYR B 215 -4.59 16.12 5.26
C TYR B 215 -3.95 14.89 5.89
N LEU B 216 -2.98 15.08 6.78
CA LEU B 216 -2.26 13.99 7.41
C LEU B 216 -2.86 13.53 8.73
N VAL B 217 -3.96 14.16 9.17
CA VAL B 217 -4.58 13.77 10.44
C VAL B 217 -4.96 12.30 10.47
N PRO B 218 -5.55 11.71 9.42
CA PRO B 218 -5.84 10.26 9.48
C PRO B 218 -4.61 9.40 9.73
N ALA B 219 -3.41 9.93 9.56
CA ALA B 219 -2.20 9.12 9.67
C ALA B 219 -1.57 9.16 11.06
N PHE B 220 -1.85 10.18 11.87
CA PHE B 220 -1.30 10.26 13.22
C PHE B 220 -2.33 10.43 14.32
N MET B 221 -3.61 10.66 13.98
CA MET B 221 -4.66 10.85 14.97
C MET B 221 -5.99 10.40 14.34
N ASN B 222 -6.10 9.10 14.10
CA ASN B 222 -7.27 8.52 13.44
C ASN B 222 -8.31 8.13 14.49
N ASN B 223 -8.84 9.17 15.15
CA ASN B 223 -9.91 9.00 16.12
C ASN B 223 -10.93 10.10 15.91
N ALA B 224 -11.97 10.11 16.75
CA ALA B 224 -12.98 11.15 16.66
C ALA B 224 -12.41 12.52 17.04
N ASP B 225 -11.42 12.54 17.94
CA ASP B 225 -10.77 13.80 18.29
C ASP B 225 -9.96 14.35 17.13
N GLY B 226 -9.38 13.46 16.31
CA GLY B 226 -8.69 13.91 15.12
C GLY B 226 -9.62 14.49 14.07
N VAL B 227 -10.85 13.97 14.00
CA VAL B 227 -11.85 14.54 13.11
C VAL B 227 -12.17 15.97 13.52
N VAL B 228 -12.34 16.19 14.82
CA VAL B 228 -12.60 17.55 15.31
C VAL B 228 -11.37 18.43 15.10
N LEU B 229 -10.18 17.90 15.36
CA LEU B 229 -8.96 18.68 15.17
C LEU B 229 -8.81 19.09 13.72
N ARG B 230 -9.20 18.22 12.78
CA ARG B 230 -9.08 18.56 11.36
C ARG B 230 -10.05 19.65 10.97
N GLN B 231 -11.29 19.59 11.47
CA GLN B 231 -12.25 20.65 11.17
C GLN B 231 -11.84 21.97 11.82
N LEU B 232 -11.21 21.91 12.99
CA LEU B 232 -10.69 23.12 13.62
C LEU B 232 -9.53 23.69 12.81
N LEU B 233 -8.67 22.83 12.26
CA LEU B 233 -7.56 23.30 11.44
C LEU B 233 -8.05 23.92 10.14
N PHE B 234 -9.07 23.31 9.52
CA PHE B 234 -9.61 23.86 8.29
C PHE B 234 -10.24 25.23 8.54
N THR B 235 -10.92 25.39 9.67
CA THR B 235 -11.56 26.67 9.99
C THR B 235 -10.52 27.76 10.19
N ILE B 236 -9.49 27.48 10.99
CA ILE B 236 -8.42 28.45 11.21
C ILE B 236 -7.72 28.78 9.90
N ALA B 237 -7.50 27.77 9.06
CA ALA B 237 -6.83 28.00 7.78
C ALA B 237 -7.74 28.79 6.83
N ASP B 238 -9.02 28.47 6.79
CA ASP B 238 -9.95 29.18 5.91
C ASP B 238 -10.02 30.66 6.29
N ILE B 239 -10.19 30.95 7.58
CA ILE B 239 -10.26 32.33 8.03
C ILE B 239 -8.95 33.06 7.73
N SER B 240 -7.82 32.39 7.98
CA SER B 240 -6.52 33.03 7.74
C SER B 240 -6.25 33.21 6.25
N SER B 241 -6.52 32.16 5.45
CA SER B 241 -6.12 32.19 4.05
C SER B 241 -7.04 33.03 3.18
N LYS B 242 -8.29 33.22 3.59
CA LYS B 242 -9.26 33.96 2.79
C LYS B 242 -9.65 35.29 3.40
N VAL B 243 -10.05 35.31 4.67
CA VAL B 243 -10.60 36.52 5.28
C VAL B 243 -9.47 37.46 5.69
N ILE B 244 -8.59 36.99 6.57
CA ILE B 244 -7.47 37.82 7.02
C ILE B 244 -6.59 38.21 5.83
N TYR B 245 -6.30 37.24 4.96
CA TYR B 245 -5.52 37.50 3.77
C TYR B 245 -6.18 38.53 2.87
N GLY B 246 -7.50 38.41 2.66
CA GLY B 246 -8.21 39.37 1.84
C GLY B 246 -8.23 40.76 2.45
N LEU B 247 -8.30 40.85 3.78
CA LEU B 247 -8.26 42.16 4.43
C LEU B 247 -6.93 42.85 4.19
N MET B 248 -5.83 42.11 4.25
CA MET B 248 -4.52 42.69 4.00
C MET B 248 -4.37 43.07 2.53
N ILE B 249 -4.89 42.24 1.63
CA ILE B 249 -4.84 42.57 0.20
C ILE B 249 -5.65 43.84 -0.07
N THR B 250 -6.82 43.96 0.55
CA THR B 250 -7.62 45.17 0.37
C THR B 250 -6.94 46.39 0.98
N TYR B 251 -6.33 46.23 2.16
CA TYR B 251 -5.58 47.33 2.75
C TYR B 251 -4.45 47.78 1.84
N ILE B 252 -3.73 46.83 1.25
CA ILE B 252 -2.67 47.17 0.31
C ILE B 252 -3.25 47.89 -0.91
N ALA B 253 -4.42 47.44 -1.37
CA ALA B 253 -5.05 48.07 -2.53
C ALA B 253 -5.47 49.50 -2.23
N ILE B 254 -5.98 49.74 -1.02
CA ILE B 254 -6.42 51.09 -0.66
C ILE B 254 -5.23 52.03 -0.51
N GLN B 255 -4.17 51.56 0.13
CA GLN B 255 -2.99 52.40 0.31
C GLN B 255 -2.33 52.75 -1.02
N GLN B 256 -2.27 51.79 -1.93
CA GLN B 256 -1.71 52.07 -3.25
C GLN B 256 -2.66 52.93 -4.08
N SER B 257 -3.97 52.78 -3.89
CA SER B 257 -4.93 53.65 -4.56
C SER B 257 -4.75 55.09 -4.12
N ALA B 258 -4.51 55.31 -2.82
CA ALA B 258 -4.31 56.67 -2.32
C ALA B 258 -3.00 57.25 -2.85
N ALA B 259 -1.96 56.43 -2.95
CA ALA B 259 -0.69 56.91 -3.49
C ALA B 259 -0.79 57.24 -4.97
N ALA B 260 -1.73 56.59 -5.68
CA ALA B 260 -1.94 56.84 -7.10
C ALA B 260 -2.85 58.04 -7.35
N GLY B 261 -3.29 58.73 -6.31
CA GLY B 261 -4.11 59.91 -6.45
C GLY B 261 -5.61 59.69 -6.34
N TYR B 262 -6.05 58.49 -5.97
CA TYR B 262 -7.47 58.22 -5.85
C TYR B 262 -8.01 58.89 -4.59
N VAL B 263 -8.83 59.92 -4.79
CA VAL B 263 -9.29 60.73 -3.65
C VAL B 263 -10.12 59.93 -2.65
N PRO B 264 -11.08 59.08 -3.07
CA PRO B 264 -11.84 58.32 -2.05
C PRO B 264 -10.96 57.43 -1.18
N ALA B 265 -9.88 56.87 -1.73
CA ALA B 265 -8.97 56.09 -0.91
C ALA B 265 -8.26 56.97 0.11
N GLN B 266 -7.89 58.19 -0.30
CA GLN B 266 -7.23 59.11 0.62
C GLN B 266 -8.17 59.55 1.74
N GLN B 267 -9.46 59.70 1.45
CA GLN B 267 -10.42 60.07 2.48
C GLN B 267 -10.63 58.92 3.47
N ALA B 268 -10.77 57.69 2.96
CA ALA B 268 -10.98 56.55 3.83
C ALA B 268 -9.81 56.35 4.78
N LEU B 269 -8.58 56.56 4.30
CA LEU B 269 -7.42 56.44 5.16
C LEU B 269 -7.34 57.59 6.15
N GLY B 270 -7.87 58.76 5.78
CA GLY B 270 -7.87 59.88 6.72
C GLY B 270 -8.80 59.65 7.89
N ARG B 271 -9.94 59.00 7.64
CA ARG B 271 -10.87 58.70 8.74
C ARG B 271 -10.25 57.73 9.74
N ILE B 272 -9.36 56.86 9.29
CA ILE B 272 -8.69 55.91 10.16
C ILE B 272 -7.37 56.47 10.68
N LYS C 9 -2.56 -16.09 1.04
CA LYS C 9 -3.82 -16.63 1.49
C LYS C 9 -3.62 -17.82 2.42
N ASN C 10 -2.58 -18.61 2.13
CA ASN C 10 -2.25 -19.80 2.91
C ASN C 10 -1.00 -19.55 3.73
N ILE C 11 -0.98 -20.09 4.95
CA ILE C 11 0.15 -19.86 5.86
C ILE C 11 1.45 -20.44 5.31
N GLU C 12 1.36 -21.44 4.43
CA GLU C 12 2.57 -21.97 3.81
C GLU C 12 3.31 -20.90 3.01
N SER C 13 2.59 -19.88 2.55
CA SER C 13 3.21 -18.81 1.79
C SER C 13 4.09 -17.92 2.66
N LEU C 14 3.84 -17.90 3.97
CA LEU C 14 4.43 -16.89 4.84
C LEU C 14 5.89 -17.16 5.19
N PHE C 15 6.36 -18.40 5.10
CA PHE C 15 7.61 -18.77 5.75
C PHE C 15 8.64 -19.29 4.76
N ASP C 16 9.91 -19.14 5.15
CA ASP C 16 11.01 -19.87 4.56
C ASP C 16 11.16 -21.21 5.26
N TYR C 17 11.68 -22.18 4.53
CA TYR C 17 11.75 -23.55 5.03
C TYR C 17 13.19 -24.05 4.99
N SER C 18 13.63 -24.63 6.11
CA SER C 18 14.86 -25.39 6.10
C SER C 18 14.71 -26.62 5.21
N ALA C 19 15.83 -27.14 4.74
CA ALA C 19 15.79 -28.32 3.88
C ALA C 19 15.13 -29.49 4.59
N GLY C 20 15.32 -29.59 5.90
CA GLY C 20 14.68 -30.67 6.65
C GLY C 20 13.17 -30.55 6.67
N GLN C 21 12.66 -29.34 6.94
CA GLN C 21 11.22 -29.12 6.96
C GLN C 21 10.62 -29.31 5.58
N PHE C 22 11.26 -28.74 4.55
CA PHE C 22 10.68 -28.75 3.22
C PHE C 22 10.69 -30.15 2.61
N GLU C 23 11.83 -30.85 2.71
CA GLU C 23 11.94 -32.17 2.11
C GLU C 23 11.18 -33.23 2.90
N PHE C 24 10.88 -32.97 4.18
CA PHE C 24 10.00 -33.87 4.91
C PHE C 24 8.58 -33.80 4.38
N ILE C 25 8.09 -32.59 4.15
CA ILE C 25 6.77 -32.41 3.54
C ILE C 25 6.72 -33.08 2.18
N ASP C 26 7.75 -32.86 1.36
CA ASP C 26 7.84 -33.55 0.08
C ASP C 26 7.85 -35.06 0.27
N HIS C 27 8.59 -35.55 1.27
CA HIS C 27 8.64 -36.98 1.52
C HIS C 27 7.29 -37.51 1.98
N LEU C 28 6.60 -36.76 2.84
CA LEU C 28 5.28 -37.19 3.30
C LEU C 28 4.31 -37.34 2.14
N LEU C 29 4.35 -36.41 1.19
CA LEU C 29 3.40 -36.46 0.08
C LEU C 29 3.74 -37.59 -0.89
N THR C 30 5.02 -37.75 -1.23
CA THR C 30 5.40 -38.85 -2.11
C THR C 30 5.11 -40.20 -1.47
N MET C 31 5.36 -40.32 -0.17
CA MET C 31 5.07 -41.56 0.54
C MET C 31 3.57 -41.86 0.54
N GLY C 32 2.75 -40.82 0.69
CA GLY C 32 1.31 -41.03 0.64
C GLY C 32 0.84 -41.55 -0.71
N VAL C 33 1.49 -41.10 -1.79
CA VAL C 33 1.14 -41.58 -3.13
C VAL C 33 1.45 -43.07 -3.25
N GLY C 34 2.63 -43.48 -2.75
CA GLY C 34 3.01 -44.87 -2.86
C GLY C 34 2.14 -45.80 -2.04
N VAL C 35 1.72 -45.36 -0.86
CA VAL C 35 0.86 -46.18 -0.01
C VAL C 35 -0.49 -46.41 -0.69
N HIS C 36 -1.07 -45.34 -1.24
CA HIS C 36 -2.40 -45.44 -1.82
C HIS C 36 -2.40 -46.32 -3.06
N PHE C 37 -1.36 -46.24 -3.88
CA PHE C 37 -1.28 -47.09 -5.06
C PHE C 37 -0.84 -48.51 -4.72
N ALA C 38 -0.14 -48.69 -3.59
CA ALA C 38 0.14 -50.04 -3.11
C ALA C 38 -1.10 -50.65 -2.46
N ALA C 39 -1.94 -49.82 -1.84
CA ALA C 39 -3.21 -50.34 -1.35
C ALA C 39 -4.16 -50.62 -2.51
N LEU C 40 -4.07 -49.83 -3.59
CA LEU C 40 -4.94 -50.02 -4.74
C LEU C 40 -4.80 -51.41 -5.34
N ILE C 41 -3.55 -51.88 -5.51
CA ILE C 41 -3.33 -53.21 -6.07
C ILE C 41 -3.90 -54.28 -5.15
N PHE C 42 -3.73 -54.10 -3.84
CA PHE C 42 -4.30 -55.06 -2.88
C PHE C 42 -5.82 -55.13 -3.01
N PHE C 43 -6.48 -53.97 -3.10
CA PHE C 43 -7.94 -53.96 -3.17
C PHE C 43 -8.45 -54.65 -4.42
N LEU C 44 -7.73 -54.55 -5.53
CA LEU C 44 -8.17 -55.18 -6.77
C LEU C 44 -7.97 -56.69 -6.76
N VAL C 45 -6.91 -57.18 -6.12
CA VAL C 45 -6.68 -58.61 -6.12
C VAL C 45 -7.63 -59.33 -5.16
N VAL C 46 -7.99 -58.70 -4.04
CA VAL C 46 -8.86 -59.34 -3.06
C VAL C 46 -10.34 -59.12 -3.36
N SER C 47 -10.67 -58.30 -4.36
CA SER C 47 -12.07 -58.08 -4.71
C SER C 47 -12.73 -59.34 -5.26
N GLN C 48 -11.95 -60.31 -5.74
CA GLN C 48 -12.52 -61.58 -6.18
C GLN C 48 -12.98 -62.44 -5.03
N PHE C 49 -12.51 -62.17 -3.82
CA PHE C 49 -12.92 -62.91 -2.62
C PHE C 49 -14.11 -62.28 -1.92
N VAL C 50 -14.75 -61.30 -2.55
CA VAL C 50 -15.92 -60.63 -1.98
C VAL C 50 -17.13 -61.02 -2.80
N ALA C 51 -18.23 -61.35 -2.11
CA ALA C 51 -19.46 -61.70 -2.80
C ALA C 51 -19.96 -60.49 -3.60
N PRO C 52 -20.62 -60.73 -4.73
CA PRO C 52 -21.05 -59.60 -5.59
C PRO C 52 -21.89 -58.55 -4.88
N LYS C 53 -22.65 -58.92 -3.85
CA LYS C 53 -23.49 -57.94 -3.17
C LYS C 53 -22.68 -56.98 -2.30
N TYR C 54 -21.43 -57.32 -1.98
CA TYR C 54 -20.56 -56.43 -1.24
C TYR C 54 -19.38 -55.91 -2.05
N ARG C 55 -19.18 -56.39 -3.28
CA ARG C 55 -17.97 -56.08 -4.03
C ARG C 55 -17.88 -54.60 -4.38
N ILE C 56 -19.01 -53.91 -4.49
CA ILE C 56 -18.99 -52.49 -4.83
C ILE C 56 -18.31 -51.70 -3.73
N ALA C 57 -18.36 -52.19 -2.48
CA ALA C 57 -17.64 -51.52 -1.39
C ALA C 57 -16.14 -51.57 -1.61
N THR C 58 -15.63 -52.71 -2.11
CA THR C 58 -14.20 -52.79 -2.42
C THR C 58 -13.86 -51.98 -3.66
N ALA C 59 -14.76 -51.96 -4.64
CA ALA C 59 -14.55 -51.13 -5.82
C ALA C 59 -14.44 -49.66 -5.46
N LEU C 60 -15.26 -49.21 -4.52
CA LEU C 60 -15.18 -47.82 -4.07
C LEU C 60 -13.83 -47.52 -3.43
N SER C 61 -13.21 -48.51 -2.79
CA SER C 61 -11.87 -48.32 -2.23
C SER C 61 -10.86 -48.10 -3.35
N CYS C 62 -10.93 -48.89 -4.42
CA CYS C 62 -10.04 -48.71 -5.55
C CYS C 62 -10.18 -47.30 -6.14
N ILE C 63 -11.42 -46.80 -6.26
CA ILE C 63 -11.64 -45.45 -6.77
C ILE C 63 -11.04 -44.42 -5.82
N VAL C 64 -11.21 -44.63 -4.51
CA VAL C 64 -10.67 -43.68 -3.54
C VAL C 64 -9.15 -43.67 -3.59
N MET C 65 -8.52 -44.84 -3.74
CA MET C 65 -7.06 -44.91 -3.81
C MET C 65 -6.53 -44.13 -5.01
N VAL C 66 -7.17 -44.27 -6.17
CA VAL C 66 -6.74 -43.55 -7.36
C VAL C 66 -6.94 -42.05 -7.18
N SER C 67 -8.11 -41.65 -6.66
CA SER C 67 -8.40 -40.22 -6.50
C SER C 67 -7.46 -39.59 -5.49
N ALA C 68 -7.31 -40.19 -4.32
CA ALA C 68 -6.45 -39.63 -3.28
C ALA C 68 -4.98 -39.64 -3.71
N GLY C 69 -4.55 -40.69 -4.39
CA GLY C 69 -3.18 -40.76 -4.84
C GLY C 69 -2.84 -39.70 -5.88
N LEU C 70 -3.80 -39.38 -6.75
CA LEU C 70 -3.56 -38.36 -7.75
C LEU C 70 -3.48 -36.97 -7.14
N ILE C 71 -4.35 -36.68 -6.16
CA ILE C 71 -4.30 -35.36 -5.54
C ILE C 71 -3.05 -35.19 -4.69
N LEU C 72 -2.57 -36.27 -4.05
CA LEU C 72 -1.34 -36.18 -3.30
C LEU C 72 -0.13 -36.02 -4.21
N ASN C 73 -0.17 -36.64 -5.39
CA ASN C 73 0.89 -36.45 -6.37
C ASN C 73 0.92 -35.03 -6.90
N SER C 74 -0.26 -34.47 -7.22
CA SER C 74 -0.33 -33.10 -7.69
C SER C 74 0.11 -32.12 -6.60
N GLN C 75 -0.23 -32.40 -5.33
CA GLN C 75 0.23 -31.55 -4.24
C GLN C 75 1.75 -31.56 -4.14
N ALA C 76 2.36 -32.72 -4.37
CA ALA C 76 3.82 -32.81 -4.28
C ALA C 76 4.50 -32.04 -5.41
N VAL C 77 3.93 -32.08 -6.61
CA VAL C 77 4.49 -31.31 -7.73
C VAL C 77 4.35 -29.82 -7.45
N MET C 78 3.17 -29.39 -6.98
CA MET C 78 2.96 -27.97 -6.71
C MET C 78 3.80 -27.49 -5.54
N TRP C 79 4.15 -28.39 -4.62
CA TRP C 79 4.95 -28.00 -3.46
C TRP C 79 6.39 -27.67 -3.88
N THR C 80 7.02 -28.56 -4.65
CA THR C 80 8.39 -28.32 -5.09
C THR C 80 8.47 -27.26 -6.18
N ASP C 81 7.37 -27.03 -6.91
CA ASP C 81 7.37 -25.95 -7.90
C ASP C 81 7.27 -24.59 -7.25
N ALA C 82 6.58 -24.48 -6.11
CA ALA C 82 6.34 -23.20 -5.48
C ALA C 82 7.57 -22.63 -4.78
N TYR C 83 8.58 -23.44 -4.51
CA TYR C 83 9.73 -23.00 -3.74
C TYR C 83 11.02 -23.35 -4.46
N ALA C 84 12.05 -22.53 -4.23
CA ALA C 84 13.38 -22.76 -4.74
C ALA C 84 14.36 -22.72 -3.57
N TYR C 85 15.46 -23.46 -3.71
CA TYR C 85 16.51 -23.46 -2.70
C TYR C 85 17.49 -22.33 -3.01
N VAL C 86 17.47 -21.29 -2.19
CA VAL C 86 18.33 -20.13 -2.38
C VAL C 86 18.90 -19.72 -1.03
N ASP C 87 20.23 -19.63 -0.94
CA ASP C 87 20.93 -19.17 0.26
C ASP C 87 20.58 -20.03 1.47
N GLY C 88 20.69 -21.35 1.30
CA GLY C 88 20.49 -22.29 2.38
C GLY C 88 19.07 -22.52 2.80
N SER C 89 18.09 -21.90 2.15
CA SER C 89 16.70 -22.02 2.54
C SER C 89 15.84 -22.37 1.32
N TYR C 90 14.67 -22.90 1.60
CA TYR C 90 13.60 -23.03 0.62
C TYR C 90 12.67 -21.83 0.80
N GLN C 91 12.53 -21.02 -0.25
CA GLN C 91 11.81 -19.76 -0.16
C GLN C 91 10.81 -19.66 -1.30
N LEU C 92 9.70 -18.97 -1.02
CA LEU C 92 8.60 -18.89 -1.97
C LEU C 92 9.02 -18.18 -3.25
N GLN C 93 8.74 -18.81 -4.39
CA GLN C 93 8.95 -18.20 -5.69
C GLN C 93 7.69 -18.14 -6.54
N ASP C 94 6.68 -18.94 -6.24
CA ASP C 94 5.44 -18.97 -6.99
C ASP C 94 4.31 -19.34 -6.05
N LEU C 95 3.12 -18.77 -6.30
CA LEU C 95 1.95 -19.03 -5.48
C LEU C 95 1.06 -20.07 -6.16
N THR C 96 1.62 -21.28 -6.30
CA THR C 96 0.96 -22.39 -6.96
C THR C 96 0.47 -23.46 -5.99
N PHE C 97 1.06 -23.57 -4.81
CA PHE C 97 0.65 -24.58 -3.84
C PHE C 97 -0.48 -24.06 -2.96
N SER C 98 -1.45 -24.93 -2.70
CA SER C 98 -2.55 -24.62 -1.80
C SER C 98 -3.20 -25.91 -1.36
N ASN C 99 -3.66 -25.92 -0.11
CA ASN C 99 -4.39 -27.07 0.41
C ASN C 99 -5.83 -27.12 -0.08
N GLY C 100 -6.28 -26.11 -0.82
CA GLY C 100 -7.66 -26.08 -1.27
C GLY C 100 -8.00 -27.20 -2.24
N TYR C 101 -6.99 -27.71 -2.95
CA TYR C 101 -7.24 -28.83 -3.86
C TYR C 101 -7.60 -30.10 -3.10
N ARG C 102 -7.15 -30.22 -1.84
CA ARG C 102 -7.63 -31.31 -0.99
C ARG C 102 -9.12 -31.21 -0.77
N TYR C 103 -9.62 -29.99 -0.54
CA TYR C 103 -11.04 -29.79 -0.27
C TYR C 103 -11.89 -30.20 -1.46
N VAL C 104 -11.44 -29.85 -2.67
CA VAL C 104 -12.18 -30.23 -3.87
C VAL C 104 -12.20 -31.75 -4.02
N ASN C 105 -11.08 -32.40 -3.67
CA ASN C 105 -11.03 -33.86 -3.75
C ASN C 105 -11.97 -34.50 -2.74
N TRP C 106 -12.09 -33.90 -1.54
CA TRP C 106 -13.00 -34.42 -0.53
C TRP C 106 -14.45 -34.44 -0.99
N MET C 107 -14.81 -33.57 -1.94
CA MET C 107 -16.16 -33.61 -2.49
C MET C 107 -16.45 -34.95 -3.15
N ALA C 108 -15.41 -35.65 -3.61
CA ALA C 108 -15.56 -36.94 -4.28
C ALA C 108 -15.25 -38.12 -3.38
N THR C 109 -14.17 -38.05 -2.58
CA THR C 109 -13.73 -39.22 -1.83
C THR C 109 -14.53 -39.44 -0.56
N ILE C 110 -15.03 -38.38 0.08
CA ILE C 110 -15.84 -38.55 1.28
C ILE C 110 -17.14 -39.30 1.00
N PRO C 111 -17.90 -38.99 -0.07
CA PRO C 111 -19.10 -39.79 -0.35
C PRO C 111 -18.81 -41.28 -0.55
N CYS C 112 -17.74 -41.61 -1.27
CA CYS C 112 -17.39 -43.01 -1.46
C CYS C 112 -17.03 -43.69 -0.14
N LEU C 113 -16.27 -42.99 0.71
CA LEU C 113 -15.96 -43.52 2.04
C LEU C 113 -17.23 -43.80 2.84
N LEU C 114 -18.18 -42.85 2.81
CA LEU C 114 -19.45 -43.07 3.50
C LEU C 114 -20.27 -44.17 2.82
N LEU C 115 -20.18 -44.27 1.49
CA LEU C 115 -21.02 -45.21 0.77
C LEU C 115 -20.61 -46.66 1.05
N GLN C 116 -19.31 -46.95 1.03
CA GLN C 116 -18.88 -48.32 1.31
C GLN C 116 -19.19 -48.74 2.74
N LEU C 117 -19.36 -47.79 3.65
CA LEU C 117 -19.78 -48.12 5.00
C LEU C 117 -21.24 -48.55 5.05
N LEU C 118 -22.12 -47.81 4.38
CA LEU C 118 -23.52 -48.18 4.34
C LEU C 118 -23.75 -49.50 3.65
N ILE C 119 -22.83 -49.93 2.78
CA ILE C 119 -23.01 -51.18 2.05
C ILE C 119 -22.73 -52.38 2.95
N VAL C 120 -21.66 -52.32 3.74
CA VAL C 120 -21.36 -53.41 4.66
C VAL C 120 -22.31 -53.42 5.86
N LEU C 121 -23.01 -52.31 6.11
CA LEU C 121 -24.05 -52.26 7.12
C LEU C 121 -25.34 -52.92 6.67
N ASN C 122 -25.39 -53.39 5.43
CA ASN C 122 -26.55 -54.06 4.85
C ASN C 122 -27.77 -53.13 4.77
N LEU C 123 -27.52 -51.83 4.68
CA LEU C 123 -28.61 -50.90 4.36
C LEU C 123 -29.09 -51.16 2.94
N LYS C 124 -30.41 -51.24 2.77
CA LYS C 124 -30.99 -51.64 1.49
C LYS C 124 -32.08 -50.66 1.07
N GLY C 125 -32.27 -50.56 -0.24
CA GLY C 125 -33.41 -49.86 -0.79
C GLY C 125 -33.49 -48.41 -0.34
N LYS C 126 -34.72 -47.98 -0.05
CA LYS C 126 -34.97 -46.57 0.27
C LYS C 126 -34.13 -46.09 1.44
N GLU C 127 -33.96 -46.94 2.47
CA GLU C 127 -33.14 -46.54 3.60
C GLU C 127 -31.69 -46.34 3.18
N LEU C 128 -31.20 -47.14 2.24
CA LEU C 128 -29.85 -46.96 1.74
C LEU C 128 -29.73 -45.67 0.93
N PHE C 129 -30.69 -45.42 0.04
CA PHE C 129 -30.59 -44.28 -0.87
C PHE C 129 -30.79 -42.96 -0.14
N SER C 130 -31.79 -42.89 0.72
CA SER C 130 -32.06 -41.63 1.43
C SER C 130 -30.97 -41.34 2.45
N THR C 131 -30.46 -42.37 3.14
CA THR C 131 -29.38 -42.15 4.10
C THR C 131 -28.11 -41.66 3.39
N ALA C 132 -27.80 -42.24 2.23
CA ALA C 132 -26.59 -41.85 1.51
C ALA C 132 -26.66 -40.41 1.05
N THR C 133 -27.84 -39.96 0.60
CA THR C 133 -27.94 -38.61 0.05
C THR C 133 -27.91 -37.56 1.15
N TRP C 134 -28.55 -37.83 2.30
CA TRP C 134 -28.47 -36.90 3.41
C TRP C 134 -27.06 -36.84 3.97
N LEU C 135 -26.34 -37.97 3.97
CA LEU C 135 -24.94 -37.96 4.41
C LEU C 135 -24.07 -37.21 3.43
N ILE C 136 -24.31 -37.39 2.13
CA ILE C 136 -23.49 -36.72 1.12
C ILE C 136 -23.75 -35.22 1.14
N LEU C 137 -25.01 -34.82 1.30
CA LEU C 137 -25.32 -33.40 1.39
C LEU C 137 -24.69 -32.78 2.62
N ALA C 138 -24.70 -33.50 3.74
CA ALA C 138 -24.08 -32.98 4.97
C ALA C 138 -22.57 -32.87 4.81
N ALA C 139 -21.95 -33.85 4.13
CA ALA C 139 -20.51 -33.81 3.91
C ALA C 139 -20.13 -32.65 2.99
N TRP C 140 -20.89 -32.43 1.92
CA TRP C 140 -20.62 -31.30 1.04
C TRP C 140 -20.75 -29.97 1.78
N GLY C 141 -21.78 -29.84 2.62
CA GLY C 141 -21.90 -28.64 3.43
C GLY C 141 -20.75 -28.46 4.40
N MET C 142 -20.21 -29.57 4.91
CA MET C 142 -19.04 -29.49 5.77
C MET C 142 -17.81 -29.06 4.99
N ILE C 143 -17.63 -29.60 3.78
CA ILE C 143 -16.44 -29.29 2.99
C ILE C 143 -16.48 -27.87 2.46
N ILE C 144 -17.65 -27.45 1.94
CA ILE C 144 -17.74 -26.13 1.32
C ILE C 144 -17.54 -25.02 2.35
N THR C 145 -18.18 -25.15 3.51
CA THR C 145 -17.99 -24.16 4.55
C THR C 145 -16.56 -24.17 5.09
N GLY C 146 -15.93 -25.35 5.14
CA GLY C 146 -14.54 -25.41 5.55
C GLY C 146 -13.61 -24.81 4.52
N TYR C 147 -13.93 -24.98 3.23
CA TYR C 147 -13.10 -24.40 2.18
C TYR C 147 -13.08 -22.88 2.25
N VAL C 148 -14.25 -22.26 2.48
CA VAL C 148 -14.30 -20.82 2.57
C VAL C 148 -13.60 -20.35 3.85
N GLY C 149 -13.62 -21.17 4.89
CA GLY C 149 -12.95 -20.80 6.12
C GLY C 149 -11.44 -20.68 5.94
N GLN C 150 -10.82 -21.69 5.32
CA GLN C 150 -9.38 -21.67 5.13
C GLN C 150 -8.92 -20.61 4.15
N LEU C 151 -9.84 -19.95 3.44
CA LEU C 151 -9.47 -18.80 2.62
C LEU C 151 -9.03 -17.61 3.47
N TYR C 152 -9.39 -17.60 4.75
CA TYR C 152 -9.04 -16.51 5.66
C TYR C 152 -8.04 -16.92 6.72
N GLU C 153 -7.36 -18.07 6.54
CA GLU C 153 -6.42 -18.53 7.55
C GLU C 153 -5.23 -17.60 7.73
N VAL C 154 -4.98 -16.71 6.78
CA VAL C 154 -3.98 -15.67 6.91
C VAL C 154 -4.61 -14.30 7.13
N ASP C 155 -5.66 -13.98 6.36
CA ASP C 155 -6.22 -12.63 6.39
C ASP C 155 -7.04 -12.38 7.64
N ASP C 156 -7.90 -13.32 8.03
CA ASP C 156 -8.80 -13.11 9.17
C ASP C 156 -9.04 -14.44 9.86
N ILE C 157 -8.33 -14.67 10.97
CA ILE C 157 -8.51 -15.91 11.72
C ILE C 157 -9.92 -15.97 12.33
N ALA C 158 -10.47 -14.82 12.72
CA ALA C 158 -11.80 -14.79 13.31
C ALA C 158 -12.83 -15.44 12.38
N GLN C 159 -12.77 -15.13 11.09
CA GLN C 159 -13.68 -15.77 10.15
C GLN C 159 -13.31 -17.22 9.90
N LEU C 160 -12.04 -17.57 10.08
CA LEU C 160 -11.64 -18.97 9.97
C LEU C 160 -12.30 -19.81 11.06
N MET C 161 -12.45 -19.25 12.26
CA MET C 161 -13.11 -19.96 13.34
C MET C 161 -14.62 -20.02 13.16
N ILE C 162 -15.22 -18.99 12.56
CA ILE C 162 -16.67 -18.98 12.40
C ILE C 162 -17.10 -20.00 11.35
N TRP C 163 -16.45 -20.01 10.20
CA TRP C 163 -16.77 -21.00 9.17
C TRP C 163 -16.39 -22.40 9.63
N GLY C 164 -15.35 -22.52 10.45
CA GLY C 164 -15.01 -23.83 11.02
C GLY C 164 -16.06 -24.33 12.00
N ALA C 165 -16.71 -23.41 12.72
CA ALA C 165 -17.81 -23.82 13.60
C ALA C 165 -19.01 -24.29 12.80
N VAL C 166 -19.30 -23.64 11.67
CA VAL C 166 -20.39 -24.06 10.81
C VAL C 166 -20.08 -25.42 10.19
N SER C 167 -18.85 -25.58 9.69
CA SER C 167 -18.45 -26.85 9.10
C SER C 167 -18.49 -27.98 10.13
N THR C 168 -18.10 -27.67 11.38
CA THR C 168 -18.17 -28.67 12.44
C THR C 168 -19.60 -29.07 12.75
N ALA C 169 -20.56 -28.15 12.57
CA ALA C 169 -21.96 -28.48 12.80
C ALA C 169 -22.43 -29.56 11.82
N PHE C 170 -22.06 -29.43 10.55
CA PHE C 170 -22.34 -30.50 9.60
C PHE C 170 -21.58 -31.77 9.97
N PHE C 171 -20.35 -31.61 10.46
CA PHE C 171 -19.55 -32.76 10.87
C PHE C 171 -20.23 -33.54 11.99
N VAL C 172 -20.83 -32.83 12.95
CA VAL C 172 -21.49 -33.49 14.07
C VAL C 172 -22.79 -34.16 13.61
N VAL C 173 -23.56 -33.47 12.76
CA VAL C 173 -24.80 -34.06 12.23
C VAL C 173 -24.48 -35.31 11.41
N MET C 174 -23.42 -35.25 10.62
CA MET C 174 -23.03 -36.40 9.81
C MET C 174 -22.61 -37.58 10.68
N ASN C 175 -21.85 -37.31 11.74
CA ASN C 175 -21.41 -38.40 12.62
C ASN C 175 -22.56 -39.00 13.40
N TRP C 176 -23.54 -38.18 13.79
CA TRP C 176 -24.71 -38.71 14.48
C TRP C 176 -25.46 -39.70 13.61
N ILE C 177 -25.77 -39.30 12.37
CA ILE C 177 -26.49 -40.17 11.44
C ILE C 177 -25.74 -41.49 11.26
N VAL C 178 -24.42 -41.40 11.04
CA VAL C 178 -23.63 -42.61 10.86
C VAL C 178 -23.65 -43.45 12.13
N GLY C 179 -23.57 -42.80 13.30
CA GLY C 179 -23.58 -43.54 14.55
C GLY C 179 -24.89 -44.23 14.81
N THR C 180 -26.02 -43.56 14.54
CA THR C 180 -27.31 -44.18 14.76
C THR C 180 -27.52 -45.40 13.86
N LYS C 181 -27.08 -45.30 12.60
CA LYS C 181 -27.30 -46.40 11.67
C LYS C 181 -26.43 -47.60 11.98
N ILE C 182 -25.22 -47.37 12.50
CA ILE C 182 -24.33 -48.48 12.84
C ILE C 182 -24.92 -49.30 13.99
N PHE C 183 -25.21 -48.64 15.11
CA PHE C 183 -25.71 -49.36 16.29
C PHE C 183 -27.14 -49.85 16.13
N LYS C 184 -27.85 -49.43 15.09
CA LYS C 184 -29.18 -49.94 14.82
C LYS C 184 -29.18 -51.12 13.85
N ASN C 185 -28.18 -51.21 12.98
CA ASN C 185 -28.07 -52.31 12.02
C ASN C 185 -26.91 -53.24 12.34
N ARG C 186 -26.29 -53.09 13.52
CA ARG C 186 -25.25 -54.02 13.94
C ARG C 186 -25.78 -55.45 13.99
N ALA C 187 -27.01 -55.63 14.47
CA ALA C 187 -27.53 -56.97 14.69
C ALA C 187 -27.69 -57.75 13.40
N THR C 188 -27.89 -57.06 12.28
CA THR C 188 -28.08 -57.72 10.99
C THR C 188 -26.78 -58.21 10.36
N MET C 189 -25.63 -57.95 10.99
CA MET C 189 -24.35 -58.24 10.37
C MET C 189 -23.84 -59.61 10.80
N LEU C 190 -23.26 -60.33 9.85
CA LEU C 190 -22.89 -61.73 10.01
C LEU C 190 -21.41 -61.87 10.40
N GLY C 191 -21.05 -63.09 10.78
CA GLY C 191 -19.66 -63.44 10.97
C GLY C 191 -18.94 -62.71 12.08
N GLY C 192 -19.69 -62.20 13.06
CA GLY C 192 -19.08 -61.43 14.12
C GLY C 192 -18.62 -60.05 13.72
N THR C 193 -19.00 -59.58 12.53
CA THR C 193 -18.61 -58.24 12.09
C THR C 193 -19.38 -57.14 12.79
N ASP C 194 -20.39 -57.49 13.61
CA ASP C 194 -21.09 -56.49 14.38
C ASP C 194 -20.17 -55.82 15.39
N SER C 195 -19.14 -56.52 15.84
CA SER C 195 -18.14 -55.91 16.70
C SER C 195 -17.06 -55.18 15.91
N THR C 196 -16.81 -55.62 14.67
CA THR C 196 -15.76 -55.00 13.87
C THR C 196 -16.18 -53.62 13.38
N ILE C 197 -17.46 -53.45 13.02
CA ILE C 197 -17.90 -52.16 12.49
C ILE C 197 -17.94 -51.09 13.58
N THR C 198 -18.09 -51.47 14.85
CA THR C 198 -17.97 -50.49 15.92
C THR C 198 -16.53 -49.97 16.01
N LYS C 199 -15.55 -50.84 15.78
CA LYS C 199 -14.17 -50.39 15.72
C LYS C 199 -13.92 -49.53 14.48
N VAL C 200 -14.65 -49.79 13.40
CA VAL C 200 -14.56 -48.92 12.22
C VAL C 200 -15.07 -47.53 12.56
N PHE C 201 -16.15 -47.46 13.34
CA PHE C 201 -16.71 -46.16 13.72
C PHE C 201 -15.72 -45.37 14.58
N TRP C 202 -15.02 -46.04 15.49
CA TRP C 202 -14.06 -45.34 16.34
C TRP C 202 -12.83 -44.91 15.56
N LEU C 203 -12.35 -45.76 14.65
CA LEU C 203 -11.28 -45.33 13.76
C LEU C 203 -11.73 -44.15 12.90
N MET C 204 -12.98 -44.16 12.45
CA MET C 204 -13.49 -43.07 11.63
C MET C 204 -13.54 -41.77 12.41
N MET C 205 -14.02 -41.82 13.65
CA MET C 205 -14.08 -40.60 14.46
C MET C 205 -12.70 -40.04 14.73
N PHE C 206 -11.73 -40.90 15.03
CA PHE C 206 -10.37 -40.42 15.30
C PHE C 206 -9.72 -39.88 14.04
N ALA C 207 -9.82 -40.62 12.93
CA ALA C 207 -9.12 -40.24 11.71
C ALA C 207 -9.68 -38.95 11.13
N TRP C 208 -11.00 -38.78 11.18
CA TRP C 208 -11.63 -37.61 10.57
C TRP C 208 -11.49 -36.36 11.44
N THR C 209 -11.32 -36.52 12.76
CA THR C 209 -11.10 -35.36 13.62
C THR C 209 -9.70 -34.78 13.45
N LEU C 210 -8.77 -35.53 12.87
CA LEU C 210 -7.46 -34.97 12.57
C LEU C 210 -7.52 -33.89 11.51
N TYR C 211 -8.60 -33.85 10.71
CA TYR C 211 -8.69 -32.84 9.66
C TYR C 211 -9.02 -31.46 10.23
N PRO C 212 -10.02 -31.28 11.11
CA PRO C 212 -10.22 -29.95 11.69
C PRO C 212 -9.07 -29.50 12.57
N ILE C 213 -8.29 -30.42 13.13
CA ILE C 213 -7.10 -30.02 13.88
C ILE C 213 -6.06 -29.40 12.94
N ALA C 214 -5.82 -30.04 11.80
CA ALA C 214 -4.95 -29.45 10.80
C ALA C 214 -5.53 -28.14 10.26
N TYR C 215 -6.86 -28.06 10.21
CA TYR C 215 -7.52 -26.82 9.79
C TYR C 215 -7.28 -25.68 10.77
N LEU C 216 -7.07 -26.00 12.05
CA LEU C 216 -6.92 -25.00 13.11
C LEU C 216 -5.47 -24.62 13.38
N VAL C 217 -4.52 -25.25 12.71
CA VAL C 217 -3.09 -25.04 12.94
C VAL C 217 -2.72 -23.55 12.81
N PRO C 218 -3.23 -22.81 11.82
CA PRO C 218 -2.94 -21.36 11.78
C PRO C 218 -3.37 -20.60 13.03
N ALA C 219 -4.25 -21.17 13.86
CA ALA C 219 -4.74 -20.46 15.03
C ALA C 219 -3.92 -20.74 16.28
N PHE C 220 -3.13 -21.82 16.32
CA PHE C 220 -2.34 -22.15 17.49
C PHE C 220 -0.87 -22.47 17.21
N MET C 221 -0.47 -22.59 15.94
CA MET C 221 0.93 -22.85 15.61
C MET C 221 1.21 -22.25 14.22
N ASN C 222 1.26 -20.93 14.16
CA ASN C 222 1.47 -20.21 12.91
C ASN C 222 2.97 -20.00 12.69
N ASN C 223 3.63 -21.07 12.27
CA ASN C 223 5.05 -21.04 11.95
C ASN C 223 5.33 -22.18 10.98
N ALA C 224 6.60 -22.27 10.54
CA ALA C 224 6.97 -23.31 9.59
C ALA C 224 6.83 -24.70 10.19
N ASP C 225 6.99 -24.83 11.51
CA ASP C 225 6.79 -26.13 12.15
C ASP C 225 5.32 -26.53 12.14
N GLY C 226 4.42 -25.57 12.37
CA GLY C 226 3.01 -25.86 12.23
C GLY C 226 2.62 -26.26 10.82
N VAL C 227 3.34 -25.72 9.82
CA VAL C 227 3.13 -26.14 8.44
C VAL C 227 3.51 -27.61 8.28
N VAL C 228 4.64 -28.02 8.85
CA VAL C 228 5.05 -29.42 8.80
C VAL C 228 4.05 -30.27 9.57
N LEU C 229 3.64 -29.82 10.75
CA LEU C 229 2.67 -30.57 11.55
C LEU C 229 1.36 -30.77 10.80
N ARG C 230 0.90 -29.74 10.09
CA ARG C 230 -0.35 -29.84 9.36
C ARG C 230 -0.27 -30.90 8.28
N GLN C 231 0.81 -30.90 7.51
CA GLN C 231 1.00 -31.93 6.48
C GLN C 231 1.17 -33.31 7.10
N LEU C 232 1.81 -33.39 8.27
CA LEU C 232 1.90 -34.66 8.99
C LEU C 232 0.51 -35.14 9.40
N LEU C 233 -0.32 -34.23 9.91
CA LEU C 233 -1.69 -34.60 10.28
C LEU C 233 -2.48 -35.03 9.05
N PHE C 234 -2.32 -34.32 7.92
CA PHE C 234 -2.99 -34.71 6.69
C PHE C 234 -2.58 -36.12 6.27
N THR C 235 -1.29 -36.43 6.39
CA THR C 235 -0.79 -37.73 5.94
C THR C 235 -1.31 -38.85 6.84
N ILE C 236 -1.24 -38.67 8.16
CA ILE C 236 -1.75 -39.68 9.08
C ILE C 236 -3.26 -39.84 8.89
N ALA C 237 -3.97 -38.72 8.69
CA ALA C 237 -5.42 -38.78 8.55
C ALA C 237 -5.82 -39.43 7.23
N ASP C 238 -5.07 -39.15 6.15
CA ASP C 238 -5.38 -39.75 4.86
C ASP C 238 -5.23 -41.26 4.90
N ILE C 239 -4.11 -41.73 5.46
CA ILE C 239 -3.85 -43.18 5.49
C ILE C 239 -4.82 -43.87 6.43
N SER C 240 -5.20 -43.23 7.52
CA SER C 240 -6.17 -43.81 8.43
C SER C 240 -7.57 -43.84 7.80
N SER C 241 -8.03 -42.71 7.25
CA SER C 241 -9.41 -42.59 6.81
C SER C 241 -9.67 -43.29 5.47
N LYS C 242 -8.64 -43.60 4.69
CA LYS C 242 -8.83 -44.22 3.38
C LYS C 242 -8.24 -45.62 3.30
N VAL C 243 -6.95 -45.77 3.59
CA VAL C 243 -6.28 -47.05 3.38
C VAL C 243 -6.63 -48.04 4.47
N ILE C 244 -6.26 -47.73 5.71
CA ILE C 244 -6.57 -48.62 6.83
C ILE C 244 -8.08 -48.81 6.96
N TYR C 245 -8.84 -47.73 6.76
CA TYR C 245 -10.29 -47.81 6.75
C TYR C 245 -10.78 -48.77 5.68
N GLY C 246 -10.25 -48.64 4.47
CA GLY C 246 -10.64 -49.53 3.39
C GLY C 246 -10.28 -50.98 3.64
N LEU C 247 -9.16 -51.23 4.31
CA LEU C 247 -8.79 -52.59 4.64
C LEU C 247 -9.81 -53.22 5.59
N MET C 248 -10.34 -52.42 6.52
CA MET C 248 -11.32 -52.96 7.46
C MET C 248 -12.69 -53.14 6.81
N ILE C 249 -13.08 -52.22 5.92
CA ILE C 249 -14.32 -52.40 5.16
C ILE C 249 -14.23 -53.64 4.29
N THR C 250 -13.09 -53.86 3.64
CA THR C 250 -12.90 -55.05 2.83
C THR C 250 -12.92 -56.31 3.69
N TYR C 251 -12.25 -56.27 4.84
CA TYR C 251 -12.25 -57.41 5.77
C TYR C 251 -13.67 -57.75 6.20
N ILE C 252 -14.45 -56.73 6.55
CA ILE C 252 -15.85 -56.95 6.92
C ILE C 252 -16.63 -57.53 5.75
N ALA C 253 -16.34 -57.04 4.53
CA ALA C 253 -17.06 -57.52 3.36
C ALA C 253 -16.76 -58.99 3.09
N ILE C 254 -15.49 -59.39 3.21
CA ILE C 254 -15.13 -60.78 2.97
C ILE C 254 -15.71 -61.69 4.05
N GLN C 255 -15.72 -61.22 5.30
CA GLN C 255 -16.27 -62.04 6.37
C GLN C 255 -17.78 -62.21 6.23
N GLN C 256 -18.50 -61.12 5.92
CA GLN C 256 -19.93 -61.24 5.68
C GLN C 256 -20.22 -62.08 4.43
N SER C 257 -19.34 -62.01 3.43
CA SER C 257 -19.52 -62.83 2.23
C SER C 257 -19.37 -64.31 2.56
N ALA C 258 -18.31 -64.66 3.30
CA ALA C 258 -18.11 -66.05 3.71
C ALA C 258 -19.28 -66.54 4.56
N ALA C 259 -19.76 -65.70 5.47
CA ALA C 259 -20.91 -66.07 6.29
C ALA C 259 -22.18 -66.21 5.48
N ALA C 260 -22.26 -65.56 4.32
CA ALA C 260 -23.42 -65.67 3.44
C ALA C 260 -23.32 -66.86 2.49
N GLY C 261 -22.25 -67.63 2.55
CA GLY C 261 -22.09 -68.80 1.71
C GLY C 261 -21.19 -68.60 0.50
N TYR C 262 -20.58 -67.42 0.35
CA TYR C 262 -19.64 -67.18 -0.74
C TYR C 262 -18.39 -68.03 -0.52
N VAL C 263 -18.19 -69.03 -1.37
CA VAL C 263 -17.15 -70.03 -1.18
C VAL C 263 -15.75 -69.41 -1.28
N PRO C 264 -15.45 -68.56 -2.28
CA PRO C 264 -14.10 -67.96 -2.31
C PRO C 264 -13.76 -67.17 -1.04
N ALA C 265 -14.75 -66.51 -0.43
CA ALA C 265 -14.49 -65.80 0.81
C ALA C 265 -14.17 -66.76 1.94
N GLN C 266 -14.82 -67.94 1.96
CA GLN C 266 -14.55 -68.91 2.99
C GLN C 266 -13.14 -69.49 2.87
N GLN C 267 -12.66 -69.68 1.63
CA GLN C 267 -11.33 -70.22 1.45
C GLN C 267 -10.24 -69.19 1.68
N ALA C 268 -10.51 -67.92 1.36
CA ALA C 268 -9.54 -66.87 1.65
C ALA C 268 -9.32 -66.72 3.15
N LEU C 269 -10.39 -66.87 3.94
CA LEU C 269 -10.26 -66.77 5.38
C LEU C 269 -9.55 -67.98 5.98
N GLY C 270 -9.67 -69.14 5.33
CA GLY C 270 -9.02 -70.33 5.85
C GLY C 270 -7.51 -70.25 5.84
N ARG C 271 -6.94 -69.57 4.83
CA ARG C 271 -5.49 -69.43 4.76
C ARG C 271 -4.95 -68.37 5.72
N ILE C 272 -5.78 -67.42 6.13
CA ILE C 272 -5.36 -66.39 7.07
C ILE C 272 -5.58 -66.84 8.51
#